data_8AXS
#
_entry.id   8AXS
#
_cell.length_a   104.070
_cell.length_b   51.780
_cell.length_c   118.440
_cell.angle_alpha   90.000
_cell.angle_beta   93.070
_cell.angle_gamma   90.000
#
_symmetry.space_group_name_H-M   'P 1 21 1'
#
loop_
_entity.id
_entity.type
_entity.pdbx_description
1 polymer Exo-alpha-sialidase
2 polymer Exo-alpha-sialidase
3 non-polymer 'N-acetyl-beta-neuraminic acid'
4 non-polymer IMIDAZOLE
5 non-polymer 1,2-ETHANEDIOL
6 non-polymer 'CHLORIDE ION'
7 non-polymer 'CALCIUM ION'
8 non-polymer 'SULFATE ION'
9 non-polymer '2-DEOXY-2,3-DEHYDRO-N-ACETYL-NEURAMINIC ACID'
10 water water
#
loop_
_entity_poly.entity_id
_entity_poly.type
_entity_poly.pdbx_seq_one_letter_code
_entity_poly.pdbx_strand_id
1 'polypeptide(L)'
;MAPVPEPEVVATPPADAGRGLIRVDSREIRHYSGTRKEPDYLVSRDNGKTWEMKAAPAGYPPNYGGIPKESPAIVRNPLT
REFIRVQPIGGFVFLSRGGLDGKWLAVTNDGKLEEDWKDPEKRKNLKKLGGIMRTPVFVNKGRRVIVPFHNMGGGTKFHI
SDDGGLTWHVSRNGVTSPRHEARPPHQGVRWFNNAVEATVLEMKDGTLWALARTSQDQAWQAFSKDYGETWSKPEPSRFF
GTLTMNTLGRLDDGTIVSLWTNTMALPENATAGNGTWEDVFTNRDSHHIAMSGDEGKTWYGFREIILDEHRNHPGYATLD
GPEDRGKHQSEMVQLDKNRILISLGQHKNHRRLVIVDRRWVGAKTRATQTGKDLDSQWTIHTYIPQKKGHCSYNRKPSAE
LVQDPSGGTKKVLQIKRLDDPELVNEKSNVDYRNGGATWNFPNGTTGLVKFRFRVVDGEQADDSGLQVSLTDRLFNACDS
TTKDYALFTFPIRLKPAPHLLLGMKKVPFTPGAWHEISLLWQGGQAVVSLDGKKAGTLKMANKSPNGASYIHFISTGSQP
DAGILLDTVNARVKAAAA
;
A
2 'polypeptide(L)'
;MAPVPEPEVVATPPADAGRGLIRVDSREIRHYSGTRKEPDYLVSRDNGKTWEMKAAPAGYPPNYGGIPKESPAIVRNPLT
REFIRVQPIGGFVFLSRGGLDGKWLAVTNDGKLEEDWKDPEKRKNLKKLGGIMRTPVFVNKGRRVIVPFHNMGGGTKFHI
SDDGGLTWHVSRNGVTSPRHEARPPHQGVRWFNNAVEATVLEMKDGTLWALARTSQDQAWQAFSKDYGETWSKPEPSRFF
GTLTMNTLGRLDDGTIVSLWTNTMALPENATAGNGTWEDVFTNRDSHHIAMSGDEGKTWYGFREIILDEHRNHPGYATLD
GPEDRGKHQSEMVQLDKNRILISLGQHKNHRRLVIVDRRWVGAKTRATQTGKDLDSQWTIHTYIPQKKGHCSYNRKPSAE
LVQDPSGGTKKVLQIKRLDDPELVNEKSNVDYRNGGATWNFPNGTTGLVKFRFRVVDGEQADDSGLQVSLTDRLFNACDS
TTKDYALFTFPIRLKPAPHLLLGMKKVPFTPGAWHEISLLWQGGQAVVSLDGKKAGTLKMANKSPNGASYIHFISTGSQP
DAGILLDTVNARVKAE
;
B
#
# COMPACT_ATOMS: atom_id res chain seq x y z
N VAL A 4 -12.78 18.50 42.16
CA VAL A 4 -12.50 19.03 40.83
C VAL A 4 -12.29 17.87 39.83
N PRO A 5 -12.85 17.97 38.62
CA PRO A 5 -12.86 16.79 37.73
C PRO A 5 -11.47 16.48 37.16
N GLU A 6 -10.97 15.27 37.43
CA GLU A 6 -9.65 14.86 36.95
C GLU A 6 -9.70 14.59 35.45
N PRO A 7 -8.54 14.54 34.78
CA PRO A 7 -8.55 14.22 33.34
C PRO A 7 -9.14 12.85 33.07
N GLU A 8 -9.91 12.73 31.99
CA GLU A 8 -10.61 11.52 31.62
C GLU A 8 -10.22 11.08 30.22
N VAL A 9 -9.68 9.87 30.08
CA VAL A 9 -9.42 9.27 28.79
C VAL A 9 -10.75 8.79 28.21
N VAL A 10 -11.07 9.23 26.98
CA VAL A 10 -12.31 8.84 26.33
C VAL A 10 -12.14 7.99 25.08
N ALA A 11 -10.97 7.99 24.43
CA ALA A 11 -10.79 7.18 23.23
C ALA A 11 -9.32 7.16 22.85
N THR A 12 -9.02 6.37 21.83
CA THR A 12 -7.69 6.34 21.19
C THR A 12 -7.90 6.92 19.80
N PRO A 13 -7.20 7.98 19.40
CA PRO A 13 -7.40 8.51 18.04
C PRO A 13 -6.79 7.59 16.99
N PRO A 14 -7.25 7.72 15.74
CA PRO A 14 -6.84 6.78 14.68
C PRO A 14 -5.56 7.20 13.96
N ALA A 15 -4.89 8.20 14.51
CA ALA A 15 -3.61 8.69 14.03
C ALA A 15 -2.90 9.27 15.25
N ASP A 16 -1.59 9.44 15.13
CA ASP A 16 -0.86 10.16 16.16
C ASP A 16 -1.45 11.56 16.28
N ALA A 17 -1.31 12.18 17.44
CA ALA A 17 -1.94 13.46 17.71
C ALA A 17 -1.19 14.58 17.01
N GLY A 18 -1.90 15.68 16.80
CA GLY A 18 -1.27 16.94 16.40
C GLY A 18 -1.93 17.59 15.19
N ARG A 19 -2.68 16.78 14.44
CA ARG A 19 -3.37 17.17 13.21
C ARG A 19 -4.58 16.28 13.04
N GLY A 20 -5.67 16.86 12.53
CA GLY A 20 -6.84 16.10 12.12
C GLY A 20 -8.01 16.11 13.07
N LEU A 21 -7.88 16.70 14.25
CA LEU A 21 -9.01 16.87 15.17
C LEU A 21 -9.79 18.12 14.80
N ILE A 22 -11.09 17.98 14.56
CA ILE A 22 -11.86 19.08 13.98
C ILE A 22 -13.30 19.03 14.47
N ARG A 23 -13.80 20.16 14.98
CA ARG A 23 -15.22 20.27 15.31
C ARG A 23 -16.05 20.46 14.04
N VAL A 24 -17.16 19.71 13.92
CA VAL A 24 -18.08 19.82 12.79
C VAL A 24 -19.25 20.73 13.12
N ASP A 25 -19.85 20.56 14.29
CA ASP A 25 -20.95 21.41 14.76
C ASP A 25 -20.98 21.33 16.28
N SER A 26 -22.05 21.81 16.92
CA SER A 26 -22.03 21.92 18.37
C SER A 26 -21.92 20.57 19.10
N ARG A 27 -22.25 19.46 18.43
CA ARG A 27 -22.19 18.14 19.07
C ARG A 27 -21.31 17.13 18.37
N GLU A 28 -20.86 17.41 17.15
CA GLU A 28 -20.12 16.45 16.36
C GLU A 28 -18.67 16.91 16.22
N ILE A 29 -17.75 16.00 16.57
CA ILE A 29 -16.29 16.23 16.48
C ILE A 29 -15.69 14.99 15.82
N ARG A 30 -14.69 15.22 14.94
CA ARG A 30 -14.05 14.15 14.20
C ARG A 30 -12.54 14.20 14.42
N HIS A 31 -11.89 13.06 14.27
CA HIS A 31 -10.43 12.98 14.18
C HIS A 31 -10.10 12.15 12.94
N TYR A 32 -9.56 12.78 11.93
CA TYR A 32 -9.22 12.10 10.69
C TYR A 32 -7.93 11.31 10.87
N SER A 33 -7.51 10.59 9.83
CA SER A 33 -6.40 9.64 9.92
C SER A 33 -5.48 9.77 8.72
N GLY A 34 -4.34 9.07 8.81
CA GLY A 34 -3.38 9.00 7.72
C GLY A 34 -3.52 7.78 6.85
N THR A 35 -4.67 7.12 6.87
CA THR A 35 -4.81 5.91 6.07
C THR A 35 -4.45 6.14 4.61
N ARG A 36 -3.82 5.13 4.00
N ARG A 36 -3.81 5.13 4.00
CA ARG A 36 -3.55 5.10 2.57
CA ARG A 36 -3.55 5.09 2.57
C ARG A 36 -4.72 4.50 1.78
C ARG A 36 -4.65 4.38 1.78
N LYS A 37 -5.70 3.94 2.46
CA LYS A 37 -6.85 3.31 1.84
C LYS A 37 -7.96 4.34 1.74
N GLU A 38 -9.20 3.88 1.67
CA GLU A 38 -10.30 4.83 1.59
C GLU A 38 -10.36 5.65 2.88
N PRO A 39 -10.49 6.95 2.81
CA PRO A 39 -10.38 7.75 4.03
C PRO A 39 -11.48 7.48 5.03
N ASP A 40 -11.12 7.66 6.30
CA ASP A 40 -12.00 7.40 7.42
C ASP A 40 -11.74 8.42 8.52
N TYR A 41 -12.54 8.36 9.59
CA TYR A 41 -12.34 9.23 10.74
C TYR A 41 -12.99 8.61 11.94
N LEU A 42 -12.53 9.02 13.11
CA LEU A 42 -13.19 8.69 14.36
C LEU A 42 -14.13 9.83 14.75
N VAL A 43 -15.38 9.50 15.11
CA VAL A 43 -16.38 10.54 15.29
C VAL A 43 -17.08 10.38 16.63
N SER A 44 -17.36 11.52 17.26
CA SER A 44 -18.24 11.62 18.40
C SER A 44 -19.43 12.50 18.01
N ARG A 45 -20.62 12.07 18.42
CA ARG A 45 -21.86 12.82 18.17
C ARG A 45 -22.43 13.34 19.48
N ASP A 46 -21.71 13.19 20.59
CA ASP A 46 -22.12 13.70 21.89
C ASP A 46 -21.10 14.62 22.50
N ASN A 47 -20.51 15.48 21.67
CA ASN A 47 -19.57 16.49 22.10
C ASN A 47 -18.38 15.90 22.84
N GLY A 48 -17.87 14.79 22.35
CA GLY A 48 -16.58 14.28 22.77
C GLY A 48 -16.60 13.13 23.76
N LYS A 49 -17.78 12.67 24.21
CA LYS A 49 -17.83 11.64 25.24
C LYS A 49 -17.62 10.24 24.68
N THR A 50 -18.30 9.88 23.59
CA THR A 50 -18.18 8.56 22.98
C THR A 50 -17.81 8.67 21.51
N TRP A 51 -17.15 7.62 21.00
CA TRP A 51 -16.48 7.65 19.72
C TRP A 51 -16.62 6.33 18.98
N GLU A 52 -16.66 6.43 17.66
CA GLU A 52 -16.60 5.27 16.78
C GLU A 52 -16.00 5.65 15.43
N MET A 53 -15.47 4.66 14.71
CA MET A 53 -14.92 4.89 13.37
C MET A 53 -16.03 4.92 12.32
N LYS A 54 -15.81 5.74 11.30
CA LYS A 54 -16.72 5.86 10.17
C LYS A 54 -15.93 6.12 8.89
N ALA A 55 -16.40 5.57 7.78
CA ALA A 55 -15.82 5.87 6.48
C ALA A 55 -16.23 7.26 6.03
N ALA A 56 -15.29 7.99 5.42
CA ALA A 56 -15.61 9.29 4.86
C ALA A 56 -16.42 9.13 3.57
N PRO A 57 -17.26 10.10 3.24
CA PRO A 57 -18.06 10.00 2.02
C PRO A 57 -17.20 10.14 0.76
N ALA A 58 -17.81 9.82 -0.39
CA ALA A 58 -17.08 9.75 -1.64
C ALA A 58 -16.46 11.08 -2.10
N GLY A 59 -16.98 12.22 -1.66
CA GLY A 59 -16.41 13.48 -2.10
C GLY A 59 -15.13 13.89 -1.39
N TYR A 60 -14.79 13.16 -0.32
CA TYR A 60 -13.64 13.56 0.50
C TYR A 60 -12.37 12.94 -0.08
N PRO A 61 -11.33 13.71 -0.33
CA PRO A 61 -10.20 13.17 -1.10
C PRO A 61 -9.34 12.25 -0.26
N PRO A 62 -8.76 11.23 -0.88
CA PRO A 62 -7.79 10.40 -0.14
C PRO A 62 -6.56 11.22 0.24
N ASN A 63 -5.72 10.60 1.08
CA ASN A 63 -4.45 11.20 1.47
C ASN A 63 -3.44 10.95 0.36
N TYR A 64 -3.31 11.90 -0.56
CA TYR A 64 -2.30 11.79 -1.61
C TYR A 64 -0.91 11.99 -1.04
N GLY A 65 -0.73 13.03 -0.24
CA GLY A 65 0.46 13.19 0.58
C GLY A 65 0.31 12.62 1.97
N GLY A 66 1.15 13.09 2.88
CA GLY A 66 1.12 12.61 4.23
C GLY A 66 1.87 11.31 4.44
N ILE A 67 1.70 10.81 5.64
CA ILE A 67 2.28 9.53 6.06
C ILE A 67 1.25 8.74 6.83
N PRO A 68 1.38 7.40 6.87
CA PRO A 68 0.29 6.57 7.41
C PRO A 68 -0.10 6.91 8.83
N LYS A 69 0.82 7.35 9.68
CA LYS A 69 0.51 7.51 11.10
C LYS A 69 0.02 8.91 11.48
N GLU A 70 -0.07 9.82 10.54
CA GLU A 70 -0.49 11.20 10.81
C GLU A 70 -1.60 11.60 9.87
N SER A 71 -2.60 12.26 10.45
CA SER A 71 -3.69 12.80 9.64
C SER A 71 -3.23 14.11 8.99
N PRO A 72 -3.86 14.55 7.90
CA PRO A 72 -3.75 15.94 7.49
C PRO A 72 -4.33 16.84 8.54
N ALA A 73 -3.86 18.08 8.54
CA ALA A 73 -4.48 19.12 9.34
C ALA A 73 -5.71 19.63 8.61
N ILE A 74 -6.78 19.87 9.37
CA ILE A 74 -8.06 20.36 8.80
C ILE A 74 -8.52 21.54 9.65
N VAL A 75 -8.72 22.68 9.01
CA VAL A 75 -8.97 23.95 9.70
C VAL A 75 -10.15 24.66 9.04
N ARG A 76 -11.05 25.20 9.89
CA ARG A 76 -12.18 26.00 9.38
C ARG A 76 -11.77 27.44 9.15
N ASN A 77 -12.13 27.94 7.96
CA ASN A 77 -11.97 29.35 7.61
C ASN A 77 -13.10 30.10 8.30
N PRO A 78 -12.81 31.07 9.15
CA PRO A 78 -13.88 31.68 9.97
C PRO A 78 -14.79 32.59 9.17
N LEU A 79 -14.35 33.05 8.00
CA LEU A 79 -15.14 33.94 7.15
C LEU A 79 -16.08 33.16 6.24
N THR A 80 -15.55 32.15 5.56
CA THR A 80 -16.36 31.39 4.61
C THR A 80 -17.06 30.19 5.25
N ARG A 81 -16.60 29.76 6.43
N ARG A 81 -16.57 29.75 6.41
CA ARG A 81 -17.08 28.59 7.17
CA ARG A 81 -17.08 28.59 7.13
C ARG A 81 -16.69 27.26 6.50
C ARG A 81 -16.83 27.27 6.38
N GLU A 82 -15.94 27.31 5.41
CA GLU A 82 -15.44 26.13 4.71
C GLU A 82 -14.12 25.72 5.37
N PHE A 83 -13.52 24.65 4.86
CA PHE A 83 -12.33 24.08 5.47
C PHE A 83 -11.17 24.05 4.49
N ILE A 84 -9.96 24.10 5.04
CA ILE A 84 -8.72 23.95 4.29
C ILE A 84 -7.99 22.74 4.87
N ARG A 85 -7.42 21.92 3.98
CA ARG A 85 -6.70 20.70 4.41
C ARG A 85 -5.32 20.67 3.79
N VAL A 86 -4.28 20.50 4.63
CA VAL A 86 -2.92 20.25 4.18
C VAL A 86 -2.37 19.03 4.93
N GLN A 87 -1.37 18.38 4.36
CA GLN A 87 -0.80 17.20 5.00
C GLN A 87 0.35 17.61 5.92
N PRO A 88 0.85 16.68 6.75
CA PRO A 88 2.10 16.94 7.48
C PRO A 88 3.31 17.13 6.54
N ILE A 89 3.26 16.49 5.36
CA ILE A 89 4.33 16.58 4.37
C ILE A 89 3.78 16.09 3.06
N GLY A 90 4.08 16.83 2.00
CA GLY A 90 3.67 16.39 0.68
C GLY A 90 2.22 16.69 0.37
N GLY A 91 1.79 16.23 -0.79
CA GLY A 91 0.41 16.35 -1.19
C GLY A 91 -0.03 17.77 -1.50
N PHE A 92 -1.34 17.99 -1.38
CA PHE A 92 -2.00 19.11 -2.02
C PHE A 92 -2.77 19.94 -0.99
N VAL A 93 -3.30 21.07 -1.45
CA VAL A 93 -4.12 21.98 -0.65
C VAL A 93 -5.55 21.78 -1.14
N PHE A 94 -6.43 21.31 -0.26
CA PHE A 94 -7.84 21.09 -0.61
C PHE A 94 -8.72 22.07 0.17
N LEU A 95 -9.75 22.57 -0.51
CA LEU A 95 -10.72 23.50 0.05
C LEU A 95 -12.11 22.92 -0.18
N SER A 96 -12.96 23.04 0.84
CA SER A 96 -14.31 22.46 0.76
C SER A 96 -15.33 23.47 0.23
N ARG A 97 -16.38 22.89 -0.31
CA ARG A 97 -17.59 23.64 -0.72
C ARG A 97 -18.77 22.81 -0.25
N GLY A 98 -19.45 23.28 0.79
CA GLY A 98 -20.46 22.48 1.44
C GLY A 98 -20.03 21.70 2.65
N GLY A 99 -18.90 22.05 3.23
CA GLY A 99 -18.38 21.41 4.43
C GLY A 99 -17.62 20.12 4.17
N LEU A 100 -17.30 19.46 5.28
CA LEU A 100 -16.43 18.27 5.20
C LEU A 100 -17.04 17.19 4.33
N ASP A 101 -18.37 17.09 4.34
CA ASP A 101 -19.10 16.07 3.62
C ASP A 101 -19.73 16.68 2.35
N GLY A 102 -19.11 17.73 1.84
CA GLY A 102 -19.49 18.35 0.60
C GLY A 102 -18.52 18.07 -0.51
N LYS A 103 -18.40 19.01 -1.44
CA LYS A 103 -17.48 18.93 -2.56
C LYS A 103 -16.12 19.45 -2.09
N TRP A 104 -15.05 18.88 -2.60
CA TRP A 104 -13.73 19.40 -2.35
C TRP A 104 -13.03 19.75 -3.66
N LEU A 105 -12.25 20.83 -3.62
CA LEU A 105 -11.49 21.28 -4.77
C LEU A 105 -10.03 21.45 -4.40
N ALA A 106 -9.14 21.14 -5.34
CA ALA A 106 -7.70 21.25 -5.10
C ALA A 106 -7.15 22.52 -5.72
N VAL A 107 -6.22 23.16 -5.03
CA VAL A 107 -5.67 24.43 -5.48
C VAL A 107 -4.62 24.15 -6.55
N THR A 108 -4.69 24.87 -7.68
CA THR A 108 -3.69 24.69 -8.74
C THR A 108 -2.51 25.66 -8.59
N ASN A 109 -1.46 25.37 -9.36
CA ASN A 109 -0.28 26.22 -9.35
C ASN A 109 -0.60 27.63 -9.84
N ASP A 110 -1.63 27.80 -10.66
N ASP A 110 -1.67 27.78 -10.63
CA ASP A 110 -2.00 29.13 -11.16
CA ASP A 110 -2.06 29.05 -11.22
C ASP A 110 -3.24 29.69 -10.45
C ASP A 110 -3.09 29.82 -10.37
N GLY A 111 -3.44 29.33 -9.19
CA GLY A 111 -4.40 30.04 -8.37
C GLY A 111 -5.85 29.72 -8.67
N LYS A 112 -6.13 28.60 -9.29
CA LYS A 112 -7.48 28.19 -9.63
C LYS A 112 -7.85 26.97 -8.81
N LEU A 113 -9.11 26.52 -8.94
CA LEU A 113 -9.60 25.38 -8.19
C LEU A 113 -9.92 24.24 -9.15
N GLU A 114 -9.39 23.07 -8.87
CA GLU A 114 -9.59 21.87 -9.66
C GLU A 114 -10.63 20.97 -9.02
N GLU A 115 -11.78 20.83 -9.68
N GLU A 115 -11.76 20.77 -9.69
CA GLU A 115 -12.84 19.96 -9.20
CA GLU A 115 -12.77 19.87 -9.16
C GLU A 115 -12.58 18.50 -9.49
C GLU A 115 -12.53 18.41 -9.52
N ASP A 116 -11.78 18.20 -10.50
N ASP A 116 -11.83 18.15 -10.61
CA ASP A 116 -11.66 16.87 -11.05
CA ASP A 116 -11.60 16.80 -11.11
C ASP A 116 -10.32 16.23 -10.68
C ASP A 116 -10.23 16.30 -10.69
N TRP A 117 -9.96 16.32 -9.38
CA TRP A 117 -8.69 15.80 -8.88
C TRP A 117 -8.63 14.27 -8.90
N LYS A 118 -9.74 13.57 -9.16
CA LYS A 118 -9.65 12.13 -9.34
C LYS A 118 -8.92 11.76 -10.63
N ASP A 119 -8.76 12.71 -11.54
CA ASP A 119 -8.00 12.50 -12.77
C ASP A 119 -6.52 12.71 -12.47
N PRO A 120 -5.71 11.66 -12.52
CA PRO A 120 -4.27 11.84 -12.22
C PRO A 120 -3.56 12.85 -13.12
N GLU A 121 -3.99 13.04 -14.37
CA GLU A 121 -3.35 14.03 -15.21
C GLU A 121 -3.59 15.43 -14.67
N LYS A 122 -4.77 15.67 -14.10
CA LYS A 122 -5.08 16.98 -13.55
C LYS A 122 -4.37 17.25 -12.22
N ARG A 123 -3.93 16.22 -11.51
CA ARG A 123 -3.18 16.42 -10.27
C ARG A 123 -1.77 16.93 -10.53
N LYS A 124 -1.26 16.79 -11.75
CA LYS A 124 0.11 17.18 -12.04
C LYS A 124 0.32 18.68 -11.86
N ASN A 125 -0.71 19.51 -12.04
CA ASN A 125 -0.53 20.95 -11.92
C ASN A 125 -1.11 21.52 -10.63
N LEU A 126 -1.25 20.68 -9.60
CA LEU A 126 -1.72 21.17 -8.31
C LEU A 126 -0.58 21.77 -7.49
N LYS A 127 -0.93 22.81 -6.73
CA LYS A 127 0.00 23.40 -5.77
C LYS A 127 0.51 22.40 -4.75
N LYS A 128 1.83 22.39 -4.53
CA LYS A 128 2.44 21.54 -3.53
C LYS A 128 3.26 22.40 -2.59
N LEU A 129 2.77 22.62 -1.37
CA LEU A 129 3.52 23.38 -0.38
C LEU A 129 4.63 22.51 0.21
N GLY A 130 5.79 23.10 0.32
CA GLY A 130 6.96 22.36 0.77
C GLY A 130 7.16 22.26 2.30
N GLY A 131 8.12 21.41 2.67
CA GLY A 131 8.50 21.22 4.06
C GLY A 131 7.56 20.35 4.88
N ILE A 132 7.95 20.20 6.14
CA ILE A 132 7.09 19.54 7.12
C ILE A 132 6.18 20.63 7.71
N MET A 133 4.88 20.45 7.56
CA MET A 133 3.93 21.51 7.88
C MET A 133 3.19 21.19 9.16
N ARG A 134 2.82 22.24 9.87
CA ARG A 134 1.93 22.11 11.03
C ARG A 134 0.57 22.71 10.67
N THR A 135 -0.03 23.50 11.52
CA THR A 135 -1.48 23.75 11.38
C THR A 135 -1.75 25.09 10.67
N PRO A 136 -2.54 25.12 9.60
CA PRO A 136 -2.97 26.42 9.07
C PRO A 136 -3.65 27.20 10.17
N VAL A 137 -3.35 28.50 10.27
CA VAL A 137 -4.01 29.37 11.25
C VAL A 137 -4.48 30.64 10.57
N PHE A 138 -5.75 30.98 10.78
CA PHE A 138 -6.33 32.20 10.23
C PHE A 138 -6.10 33.34 11.21
N VAL A 139 -5.62 34.48 10.69
CA VAL A 139 -5.23 35.62 11.46
C VAL A 139 -5.74 36.88 10.76
N ASN A 140 -5.71 38.00 11.50
CA ASN A 140 -6.11 39.32 10.98
C ASN A 140 -7.58 39.32 10.58
N LYS A 141 -8.44 39.08 11.54
CA LYS A 141 -9.90 39.00 11.34
C LYS A 141 -10.23 37.98 10.24
N GLY A 142 -9.50 36.88 10.21
CA GLY A 142 -9.71 35.79 9.26
C GLY A 142 -9.22 36.04 7.86
N ARG A 143 -8.51 37.15 7.60
CA ARG A 143 -8.22 37.55 6.24
C ARG A 143 -6.96 36.96 5.69
N ARG A 144 -6.12 36.37 6.53
CA ARG A 144 -4.90 35.73 6.10
C ARG A 144 -4.81 34.35 6.76
N VAL A 145 -4.28 33.36 6.02
CA VAL A 145 -3.96 32.05 6.59
C VAL A 145 -2.49 31.79 6.43
N ILE A 146 -1.86 31.36 7.50
N ILE A 146 -1.90 31.27 7.49
CA ILE A 146 -0.46 30.98 7.46
CA ILE A 146 -0.48 30.97 7.58
C ILE A 146 -0.27 29.54 7.94
C ILE A 146 -0.34 29.48 7.86
N VAL A 147 0.72 28.87 7.32
CA VAL A 147 1.01 27.46 7.65
C VAL A 147 2.50 27.41 7.99
N PRO A 148 2.86 27.12 9.25
CA PRO A 148 4.29 26.92 9.58
C PRO A 148 4.85 25.70 8.87
N PHE A 149 6.07 25.82 8.37
CA PHE A 149 6.77 24.66 7.80
C PHE A 149 8.24 24.71 8.16
N HIS A 150 8.84 23.54 8.24
CA HIS A 150 10.25 23.49 8.56
C HIS A 150 11.00 22.49 7.73
N ASN A 151 12.33 22.72 7.80
CA ASN A 151 13.43 21.83 7.52
C ASN A 151 14.18 21.60 8.83
N MET A 152 14.52 20.34 9.06
CA MET A 152 15.04 19.89 10.36
C MET A 152 16.22 20.74 10.81
N GLY A 153 17.21 20.95 9.92
CA GLY A 153 18.39 21.77 10.24
C GLY A 153 18.34 23.22 9.76
N GLY A 154 17.34 23.56 8.93
CA GLY A 154 17.25 24.87 8.30
C GLY A 154 16.33 25.91 8.96
N GLY A 155 15.36 25.45 9.73
CA GLY A 155 14.50 26.31 10.51
C GLY A 155 13.07 26.36 9.99
N THR A 156 12.24 27.13 10.69
CA THR A 156 10.83 27.33 10.35
C THR A 156 10.65 28.62 9.54
N LYS A 157 9.80 28.54 8.53
CA LYS A 157 9.23 29.71 7.85
C LYS A 157 7.74 29.48 7.71
N PHE A 158 7.05 30.36 7.01
CA PHE A 158 5.59 30.32 6.93
C PHE A 158 5.10 30.43 5.50
N HIS A 159 4.24 29.48 5.10
CA HIS A 159 3.46 29.64 3.88
C HIS A 159 2.31 30.60 4.19
N ILE A 160 2.09 31.60 3.35
CA ILE A 160 1.12 32.67 3.60
C ILE A 160 0.19 32.81 2.42
N SER A 161 -1.11 32.88 2.69
CA SER A 161 -2.11 33.17 1.67
C SER A 161 -3.03 34.27 2.15
N ASP A 162 -3.30 35.25 1.26
CA ASP A 162 -4.20 36.35 1.52
C ASP A 162 -5.52 36.21 0.79
N ASP A 163 -5.76 35.08 0.13
CA ASP A 163 -7.01 34.85 -0.61
C ASP A 163 -7.64 33.50 -0.27
N GLY A 164 -7.51 33.06 0.98
CA GLY A 164 -8.19 31.88 1.46
C GLY A 164 -7.59 30.57 1.01
N GLY A 165 -6.35 30.60 0.51
CA GLY A 165 -5.66 29.41 0.10
C GLY A 165 -5.45 29.25 -1.39
N LEU A 166 -5.88 30.23 -2.20
CA LEU A 166 -5.78 30.11 -3.66
C LEU A 166 -4.37 30.37 -4.15
N THR A 167 -3.70 31.38 -3.60
CA THR A 167 -2.33 31.68 -3.97
C THR A 167 -1.50 31.88 -2.70
N TRP A 168 -0.20 31.66 -2.85
CA TRP A 168 0.69 31.50 -1.71
C TRP A 168 2.03 32.19 -1.94
N HIS A 169 2.61 32.72 -0.85
CA HIS A 169 4.01 33.15 -0.83
C HIS A 169 4.65 32.70 0.46
N VAL A 170 5.94 32.96 0.62
CA VAL A 170 6.70 32.49 1.78
C VAL A 170 7.16 33.72 2.57
N SER A 171 7.12 33.61 3.89
CA SER A 171 7.66 34.65 4.75
C SER A 171 9.12 34.99 4.43
N ARG A 172 9.54 36.18 4.82
CA ARG A 172 10.95 36.55 4.62
C ARG A 172 11.88 35.77 5.54
N ASN A 173 11.49 35.61 6.79
CA ASN A 173 12.25 34.80 7.73
C ASN A 173 11.25 34.06 8.59
N GLY A 174 11.73 33.47 9.69
CA GLY A 174 10.87 32.70 10.55
C GLY A 174 11.44 32.51 11.93
N VAL A 175 11.62 31.26 12.37
CA VAL A 175 12.18 30.95 13.69
C VAL A 175 13.37 30.02 13.50
N THR A 176 14.42 30.29 14.27
CA THR A 176 15.60 29.43 14.34
C THR A 176 16.02 29.30 15.80
N SER A 177 16.88 28.31 16.11
CA SER A 177 17.37 28.10 17.46
C SER A 177 18.73 27.45 17.38
N PRO A 178 19.58 27.67 18.37
CA PRO A 178 20.97 27.20 18.30
C PRO A 178 21.15 25.71 18.54
N ARG A 179 22.21 25.19 17.94
CA ARG A 179 22.66 23.82 18.22
C ARG A 179 22.91 23.63 19.71
N HIS A 180 22.71 22.40 20.19
CA HIS A 180 23.09 22.08 21.54
C HIS A 180 24.60 21.97 21.66
N GLU A 181 25.13 22.51 22.75
CA GLU A 181 26.56 22.45 23.07
C GLU A 181 26.79 21.35 24.11
N ALA A 182 27.66 20.41 23.79
CA ALA A 182 27.99 19.36 24.75
C ALA A 182 28.83 19.99 25.85
N ARG A 183 28.25 20.18 27.01
CA ARG A 183 29.01 20.50 28.23
C ARG A 183 28.49 19.59 29.32
N PRO A 184 29.29 19.30 30.33
CA PRO A 184 28.79 18.50 31.49
C PRO A 184 27.44 19.01 31.95
N PRO A 185 26.51 18.10 32.33
CA PRO A 185 26.66 16.66 32.50
C PRO A 185 26.62 15.85 31.18
N HIS A 186 26.39 16.51 30.05
CA HIS A 186 26.37 15.79 28.79
C HIS A 186 27.75 15.24 28.41
N GLN A 187 27.75 14.10 27.73
CA GLN A 187 28.92 13.47 27.13
C GLN A 187 28.85 13.46 25.62
N GLY A 188 27.86 14.14 25.05
CA GLY A 188 27.68 14.24 23.62
C GLY A 188 26.61 15.28 23.34
N VAL A 189 26.28 15.43 22.06
N VAL A 189 26.18 15.32 22.09
CA VAL A 189 25.34 16.46 21.61
CA VAL A 189 25.36 16.39 21.54
C VAL A 189 23.94 15.87 21.43
C VAL A 189 23.93 15.89 21.31
N ARG A 190 22.96 16.70 21.73
CA ARG A 190 21.56 16.39 21.42
C ARG A 190 21.32 16.47 19.92
N TRP A 191 20.37 15.67 19.44
CA TRP A 191 19.81 15.81 18.10
C TRP A 191 19.47 17.26 17.82
N PHE A 192 19.96 17.77 16.69
CA PHE A 192 19.73 19.16 16.29
C PHE A 192 18.40 19.31 15.56
N ASN A 193 17.51 20.08 16.15
CA ASN A 193 16.33 20.59 15.46
C ASN A 193 16.39 22.11 15.55
N ASN A 194 16.28 22.75 14.40
CA ASN A 194 16.35 24.21 14.28
C ASN A 194 14.94 24.80 14.35
N ALA A 195 14.49 25.10 15.55
CA ALA A 195 13.18 25.71 15.83
C ALA A 195 12.10 25.18 14.90
N VAL A 196 11.82 23.91 15.04
CA VAL A 196 10.89 23.19 14.17
C VAL A 196 9.49 23.16 14.78
N GLU A 197 8.54 22.70 14.00
CA GLU A 197 7.20 22.38 14.52
C GLU A 197 6.57 23.57 15.27
N ALA A 198 6.54 24.75 14.62
CA ALA A 198 6.03 25.92 15.32
C ALA A 198 4.50 25.86 15.49
N THR A 199 4.03 26.34 16.65
CA THR A 199 2.63 26.70 16.87
C THR A 199 2.51 28.22 16.97
N VAL A 200 1.46 28.82 16.38
CA VAL A 200 1.32 30.27 16.25
C VAL A 200 0.01 30.69 16.90
N LEU A 201 0.08 31.79 17.67
CA LEU A 201 -1.09 32.41 18.27
C LEU A 201 -1.09 33.91 17.98
N GLU A 202 -2.24 34.42 17.58
CA GLU A 202 -2.42 35.86 17.46
C GLU A 202 -2.77 36.47 18.81
N MET A 203 -2.01 37.46 19.22
CA MET A 203 -2.27 38.18 20.46
C MET A 203 -3.27 39.31 20.28
N LYS A 204 -3.77 39.80 21.41
CA LYS A 204 -4.79 40.84 21.34
C LYS A 204 -4.30 42.09 20.62
N ASP A 205 -3.01 42.44 20.69
CA ASP A 205 -2.52 43.64 20.01
C ASP A 205 -2.19 43.40 18.54
N GLY A 206 -2.50 42.20 18.02
CA GLY A 206 -2.24 41.87 16.64
C GLY A 206 -0.92 41.19 16.38
N THR A 207 0.00 41.20 17.35
N THR A 207 -0.01 41.15 17.34
CA THR A 207 1.26 40.48 17.21
CA THR A 207 1.26 40.51 17.07
C THR A 207 0.96 39.00 17.02
C THR A 207 1.07 39.00 17.12
N LEU A 208 1.82 38.31 16.27
CA LEU A 208 1.83 36.84 16.27
C LEU A 208 2.97 36.33 17.12
N TRP A 209 2.68 35.30 17.95
CA TRP A 209 3.67 34.61 18.80
C TRP A 209 3.86 33.22 18.21
N ALA A 210 5.10 32.90 17.83
CA ALA A 210 5.44 31.55 17.38
C ALA A 210 6.27 30.87 18.47
N LEU A 211 5.91 29.62 18.82
CA LEU A 211 6.57 28.84 19.85
C LEU A 211 7.03 27.55 19.16
N ALA A 212 8.33 27.23 19.28
CA ALA A 212 8.93 26.21 18.44
C ALA A 212 9.82 25.27 19.24
N ARG A 213 9.92 24.03 18.73
CA ARG A 213 10.68 22.94 19.33
C ARG A 213 12.17 23.04 18.99
N THR A 214 13.03 22.80 20.00
CA THR A 214 14.45 23.03 19.86
C THR A 214 15.27 21.90 20.51
N SER A 215 16.58 22.02 20.42
CA SER A 215 17.54 21.16 21.09
C SER A 215 18.01 21.72 22.41
N GLN A 216 17.45 22.84 22.86
CA GLN A 216 17.78 23.44 24.13
C GLN A 216 16.88 22.87 25.22
N ASP A 217 17.04 23.39 26.44
CA ASP A 217 16.27 22.93 27.59
C ASP A 217 14.82 23.41 27.57
N GLN A 218 14.48 24.35 26.65
CA GLN A 218 13.14 24.89 26.51
C GLN A 218 12.82 25.16 25.05
N ALA A 219 11.53 25.27 24.76
CA ALA A 219 11.09 25.78 23.45
C ALA A 219 11.57 27.20 23.30
N TRP A 220 11.76 27.62 22.05
CA TRP A 220 12.12 29.00 21.74
C TRP A 220 10.95 29.68 21.02
N GLN A 221 11.03 31.03 20.89
CA GLN A 221 9.88 31.79 20.43
C GLN A 221 10.40 32.98 19.64
N ALA A 222 9.56 33.48 18.75
CA ALA A 222 9.75 34.76 18.05
C ALA A 222 8.38 35.38 17.82
N PHE A 223 8.41 36.67 17.43
CA PHE A 223 7.20 37.46 17.30
C PHE A 223 7.18 38.19 15.96
N SER A 224 5.97 38.38 15.43
CA SER A 224 5.80 39.11 14.18
C SER A 224 4.81 40.24 14.37
N LYS A 225 5.15 41.41 13.79
CA LYS A 225 4.29 42.58 13.82
C LYS A 225 3.58 42.84 12.49
N ASP A 226 3.71 41.96 11.50
CA ASP A 226 3.15 42.11 10.18
C ASP A 226 2.46 40.83 9.73
N TYR A 227 1.84 40.16 10.70
CA TYR A 227 1.05 38.96 10.41
C TYR A 227 1.86 37.90 9.67
N GLY A 228 3.14 37.74 10.06
CA GLY A 228 3.93 36.60 9.65
C GLY A 228 4.96 36.79 8.56
N GLU A 229 5.03 37.98 7.95
CA GLU A 229 6.03 38.22 6.91
C GLU A 229 7.42 38.25 7.51
N THR A 230 7.59 38.92 8.64
CA THR A 230 8.89 39.05 9.25
C THR A 230 8.80 38.80 10.74
N TRP A 231 9.89 38.25 11.31
CA TRP A 231 9.95 37.79 12.69
C TRP A 231 11.16 38.37 13.43
N SER A 232 10.98 38.59 14.73
CA SER A 232 12.00 39.10 15.63
C SER A 232 13.10 38.07 15.84
N LYS A 233 14.18 38.53 16.47
CA LYS A 233 15.23 37.61 16.92
C LYS A 233 14.61 36.54 17.79
N PRO A 234 14.97 35.28 17.61
CA PRO A 234 14.41 34.23 18.45
C PRO A 234 15.04 34.23 19.85
N GLU A 235 14.28 33.75 20.82
CA GLU A 235 14.74 33.75 22.21
C GLU A 235 14.12 32.56 22.95
N PRO A 236 14.70 32.15 24.07
CA PRO A 236 14.07 31.10 24.88
C PRO A 236 12.72 31.50 25.42
N SER A 237 11.78 30.55 25.42
CA SER A 237 10.48 30.70 26.02
C SER A 237 10.47 30.21 27.45
N ARG A 238 9.35 30.43 28.13
CA ARG A 238 9.20 29.92 29.48
C ARG A 238 8.85 28.44 29.52
N PHE A 239 8.56 27.79 28.41
CA PHE A 239 8.06 26.41 28.41
C PHE A 239 9.19 25.42 28.22
N PHE A 240 9.63 24.82 29.33
CA PHE A 240 10.68 23.81 29.30
C PHE A 240 10.28 22.65 28.42
N GLY A 241 11.28 21.98 27.89
CA GLY A 241 11.11 20.81 27.05
C GLY A 241 12.07 20.86 25.88
N THR A 242 12.35 19.69 25.31
CA THR A 242 13.43 19.46 24.36
C THR A 242 12.97 18.46 23.31
N LEU A 243 12.96 18.87 22.04
CA LEU A 243 12.71 17.90 20.96
C LEU A 243 11.32 17.24 21.09
N THR A 244 10.36 18.02 21.59
CA THR A 244 8.96 17.65 21.68
C THR A 244 8.12 18.85 21.24
N MET A 245 6.86 18.56 20.96
CA MET A 245 5.96 19.51 20.30
C MET A 245 5.15 20.38 21.25
N ASN A 246 4.98 21.67 20.86
CA ASN A 246 4.19 22.66 21.55
C ASN A 246 2.90 22.93 20.78
N THR A 247 1.81 23.17 21.48
CA THR A 247 0.57 23.64 20.84
C THR A 247 -0.07 24.75 21.66
N LEU A 248 -0.34 25.89 21.03
CA LEU A 248 -1.05 26.97 21.67
C LEU A 248 -2.47 27.11 21.11
N GLY A 249 -3.39 27.53 21.97
CA GLY A 249 -4.76 27.82 21.57
C GLY A 249 -5.37 28.84 22.48
N ARG A 250 -6.62 29.19 22.20
CA ARG A 250 -7.31 30.21 22.97
C ARG A 250 -8.76 29.79 23.13
N LEU A 251 -9.26 29.85 24.37
CA LEU A 251 -10.65 29.56 24.68
C LEU A 251 -11.55 30.72 24.28
N ASP A 252 -12.85 30.46 24.27
CA ASP A 252 -13.82 31.45 23.81
C ASP A 252 -13.71 32.73 24.62
N ASP A 253 -13.41 32.62 25.93
CA ASP A 253 -13.31 33.79 26.79
C ASP A 253 -11.98 34.50 26.70
N GLY A 254 -11.08 34.09 25.83
CA GLY A 254 -9.82 34.75 25.63
C GLY A 254 -8.65 34.12 26.37
N THR A 255 -8.91 33.16 27.24
CA THR A 255 -7.83 32.50 27.97
C THR A 255 -6.93 31.73 27.01
N ILE A 256 -5.62 31.90 27.16
CA ILE A 256 -4.62 31.20 26.35
C ILE A 256 -4.31 29.85 26.99
N VAL A 257 -4.20 28.80 26.17
CA VAL A 257 -3.88 27.45 26.62
C VAL A 257 -2.56 27.05 25.98
N SER A 258 -1.64 26.52 26.78
CA SER A 258 -0.36 26.00 26.29
C SER A 258 -0.31 24.52 26.64
N LEU A 259 -0.09 23.67 25.63
CA LEU A 259 0.07 22.22 25.77
C LEU A 259 1.47 21.84 25.28
N TRP A 260 2.17 21.05 26.07
CA TRP A 260 3.53 20.66 25.72
C TRP A 260 3.96 19.51 26.61
N THR A 261 5.14 18.98 26.35
CA THR A 261 5.72 17.92 27.21
C THR A 261 6.79 18.55 28.10
N ASN A 262 6.44 18.74 29.38
CA ASN A 262 7.28 19.53 30.30
C ASN A 262 8.27 18.64 31.04
N THR A 263 9.30 18.22 30.30
CA THR A 263 10.28 17.28 30.80
C THR A 263 11.70 17.75 30.49
N MET A 264 12.63 17.16 31.24
CA MET A 264 14.04 17.28 30.96
C MET A 264 14.57 15.91 30.60
N ALA A 265 15.18 15.76 29.43
CA ALA A 265 15.78 14.50 29.02
C ALA A 265 16.99 14.15 29.90
N LEU A 266 17.33 12.85 29.95
CA LEU A 266 18.59 12.49 30.60
C LEU A 266 19.76 13.14 29.84
N PRO A 267 20.84 13.45 30.55
CA PRO A 267 22.04 13.91 29.85
C PRO A 267 22.50 12.96 28.76
N GLU A 268 23.07 13.54 27.70
CA GLU A 268 23.58 12.76 26.59
C GLU A 268 24.70 11.84 27.05
N ASN A 269 24.74 10.63 26.46
CA ASN A 269 25.75 9.65 26.80
C ASN A 269 26.92 9.71 25.84
N ALA A 270 27.89 8.79 26.03
CA ALA A 270 29.13 8.87 25.25
C ALA A 270 29.00 8.33 23.84
N THR A 271 27.85 7.74 23.49
CA THR A 271 27.58 7.24 22.15
C THR A 271 26.39 7.98 21.49
N ALA A 272 26.30 9.29 21.73
N ALA A 272 26.27 9.29 21.75
CA ALA A 272 25.11 10.08 21.39
CA ALA A 272 25.06 10.03 21.35
C ALA A 272 25.11 10.62 19.96
C ALA A 272 24.98 10.38 19.88
N GLY A 273 26.08 10.22 19.14
CA GLY A 273 26.10 10.59 17.73
C GLY A 273 26.48 12.03 17.51
N ASN A 274 26.43 12.43 16.23
CA ASN A 274 26.89 13.75 15.84
C ASN A 274 25.77 14.78 15.83
N GLY A 275 24.57 14.40 16.23
CA GLY A 275 23.48 15.33 16.30
C GLY A 275 22.63 15.41 15.07
N THR A 276 22.99 14.73 13.96
CA THR A 276 22.11 14.70 12.79
C THR A 276 20.76 14.07 13.08
N TRP A 277 20.76 12.95 13.82
CA TRP A 277 19.57 12.21 14.19
C TRP A 277 19.66 11.88 15.69
N GLU A 278 18.56 11.40 16.21
CA GLU A 278 18.48 11.07 17.63
C GLU A 278 19.12 9.71 17.89
N ASP A 279 19.64 9.55 19.12
CA ASP A 279 20.08 8.25 19.61
C ASP A 279 18.99 7.55 20.43
N VAL A 280 18.38 8.23 21.37
CA VAL A 280 17.38 7.63 22.24
C VAL A 280 16.51 8.72 22.84
N PHE A 281 15.23 8.43 22.98
CA PHE A 281 14.29 9.35 23.61
C PHE A 281 14.12 8.99 25.09
N THR A 282 14.37 9.96 25.98
CA THR A 282 14.23 9.73 27.42
C THR A 282 13.31 10.77 28.06
N ASN A 283 12.40 11.39 27.26
CA ASN A 283 11.66 12.52 27.81
C ASN A 283 10.26 12.67 27.22
N ARG A 284 9.63 11.56 26.77
CA ARG A 284 8.36 11.69 26.05
C ARG A 284 7.21 10.97 26.74
N ASP A 285 7.25 10.79 28.07
CA ASP A 285 6.26 9.98 28.76
C ASP A 285 5.25 10.79 29.56
N SER A 286 4.94 12.01 29.13
CA SER A 286 3.97 12.86 29.81
C SER A 286 3.52 13.96 28.85
N HIS A 287 2.45 14.65 29.24
CA HIS A 287 1.98 15.87 28.55
C HIS A 287 1.39 16.78 29.60
N HIS A 288 1.46 18.08 29.38
CA HIS A 288 1.13 19.09 30.37
C HIS A 288 0.29 20.23 29.80
N ILE A 289 -0.38 20.96 30.70
CA ILE A 289 -1.20 22.12 30.33
C ILE A 289 -0.95 23.28 31.28
N ALA A 290 -0.88 24.50 30.72
CA ALA A 290 -0.88 25.74 31.48
C ALA A 290 -1.80 26.73 30.77
N MET A 291 -2.25 27.72 31.53
N MET A 291 -2.34 27.68 31.54
CA MET A 291 -3.17 28.72 31.00
CA MET A 291 -3.27 28.67 30.98
C MET A 291 -2.74 30.11 31.40
C MET A 291 -2.95 30.06 31.50
N SER A 292 -3.31 31.07 30.68
CA SER A 292 -3.06 32.48 30.99
C SER A 292 -4.30 33.30 30.66
N GLY A 293 -4.80 34.03 31.66
CA GLY A 293 -5.92 34.93 31.49
C GLY A 293 -5.54 36.37 31.26
N ASP A 294 -4.27 36.69 31.04
CA ASP A 294 -3.85 38.07 30.86
C ASP A 294 -2.86 38.23 29.70
N GLU A 295 -3.13 37.55 28.58
CA GLU A 295 -2.32 37.64 27.37
C GLU A 295 -0.88 37.19 27.58
N GLY A 296 -0.70 36.21 28.47
CA GLY A 296 0.59 35.62 28.63
C GLY A 296 1.48 36.27 29.66
N LYS A 297 0.98 37.26 30.39
CA LYS A 297 1.82 37.92 31.39
C LYS A 297 2.06 37.00 32.57
N THR A 298 1.04 36.27 32.97
CA THR A 298 1.15 35.31 34.05
C THR A 298 0.45 34.01 33.65
N TRP A 299 0.93 32.91 34.18
CA TRP A 299 0.48 31.59 33.80
C TRP A 299 0.17 30.78 35.04
N TYR A 300 -0.75 29.83 34.91
CA TYR A 300 -1.08 28.91 36.01
C TYR A 300 -1.25 27.49 35.49
N GLY A 301 -1.16 26.53 36.42
CA GLY A 301 -1.34 25.14 36.09
C GLY A 301 -0.02 24.42 36.01
N PHE A 302 0.50 24.22 34.80
CA PHE A 302 1.67 23.37 34.59
C PHE A 302 1.41 21.96 35.12
N ARG A 303 0.18 21.47 34.93
CA ARG A 303 -0.21 20.18 35.45
C ARG A 303 -0.02 19.08 34.42
N GLU A 304 0.35 17.89 34.89
CA GLU A 304 0.39 16.70 34.07
C GLU A 304 -1.02 16.30 33.67
N ILE A 305 -1.29 16.25 32.37
CA ILE A 305 -2.55 15.69 31.89
C ILE A 305 -2.59 14.19 32.15
N ILE A 306 -1.48 13.51 31.91
CA ILE A 306 -1.41 12.06 31.86
C ILE A 306 0.05 11.65 31.81
N LEU A 307 0.37 10.49 32.40
CA LEU A 307 1.64 9.79 32.26
C LEU A 307 1.46 8.56 31.38
N ASP A 308 2.51 8.21 30.62
CA ASP A 308 2.41 7.06 29.75
C ASP A 308 2.25 5.76 30.55
N GLU A 309 1.17 5.04 30.25
CA GLU A 309 0.85 3.85 31.04
C GLU A 309 1.88 2.73 30.92
N HIS A 310 2.71 2.73 29.90
CA HIS A 310 3.67 1.67 29.65
C HIS A 310 5.09 2.00 30.14
N ARG A 311 5.26 3.16 30.80
CA ARG A 311 6.56 3.78 30.99
C ARG A 311 7.55 2.95 31.80
N ASN A 312 7.08 2.05 32.67
CA ASN A 312 7.99 1.30 33.52
C ASN A 312 8.45 -0.02 32.91
N HIS A 313 7.97 -0.40 31.73
CA HIS A 313 8.03 -1.81 31.39
C HIS A 313 9.27 -2.23 30.61
N PRO A 314 9.77 -3.46 30.86
CA PRO A 314 10.97 -3.92 30.16
C PRO A 314 10.79 -4.30 28.71
N GLY A 315 9.55 -4.16 28.18
CA GLY A 315 9.24 -4.35 26.76
C GLY A 315 8.70 -3.10 26.10
N TYR A 316 8.79 -1.98 26.82
CA TYR A 316 8.32 -0.69 26.33
C TYR A 316 8.65 -0.39 24.89
N ALA A 317 9.87 -0.60 24.48
CA ALA A 317 10.39 -0.15 23.20
C ALA A 317 9.85 -0.92 22.00
N THR A 318 9.38 -2.15 22.19
CA THR A 318 9.04 -2.98 21.05
C THR A 318 7.65 -3.59 21.10
N LEU A 319 6.86 -3.31 22.13
CA LEU A 319 5.50 -3.84 22.18
C LEU A 319 4.68 -3.35 20.98
N ASP A 320 4.13 -4.31 20.25
CA ASP A 320 3.18 -4.06 19.15
C ASP A 320 3.76 -3.12 18.11
N GLY A 321 5.04 -3.35 17.77
N GLY A 321 5.04 -3.34 17.75
CA GLY A 321 5.74 -2.56 16.79
CA GLY A 321 5.70 -2.59 16.69
C GLY A 321 6.95 -1.84 17.36
C GLY A 321 6.56 -1.44 17.20
N PRO A 322 7.67 -1.15 16.52
CA PRO A 322 8.73 -0.26 17.03
C PRO A 322 8.55 1.23 16.76
N GLU A 323 7.42 1.64 16.20
CA GLU A 323 7.22 3.02 15.80
C GLU A 323 7.30 3.94 17.02
N ASP A 324 7.62 5.21 16.77
CA ASP A 324 7.77 6.14 17.88
C ASP A 324 6.51 6.19 18.73
N ARG A 325 6.72 6.23 20.03
CA ARG A 325 5.63 6.12 21.00
C ARG A 325 5.82 7.15 22.08
N GLY A 326 4.71 7.45 22.77
CA GLY A 326 4.75 8.30 23.92
C GLY A 326 3.57 9.20 24.01
N LYS A 327 3.73 10.28 24.77
CA LYS A 327 2.67 11.22 25.06
C LYS A 327 2.95 12.60 24.52
N HIS A 328 4.01 12.76 23.71
CA HIS A 328 4.30 14.03 23.00
C HIS A 328 3.41 14.16 21.77
N GLN A 329 3.17 15.43 21.38
CA GLN A 329 2.27 15.92 20.33
C GLN A 329 0.86 16.06 20.86
N SER A 330 0.16 17.14 20.48
CA SER A 330 -1.23 17.33 20.90
C SER A 330 -1.94 18.32 19.99
N GLU A 331 -3.25 18.31 20.13
CA GLU A 331 -4.15 19.22 19.45
C GLU A 331 -5.40 19.32 20.34
N MET A 332 -6.09 20.48 20.37
CA MET A 332 -7.17 20.64 21.32
C MET A 332 -8.44 21.22 20.64
N VAL A 333 -9.59 20.91 21.25
CA VAL A 333 -10.92 21.46 20.87
C VAL A 333 -11.66 21.77 22.17
N GLN A 334 -12.03 23.02 22.38
CA GLN A 334 -12.87 23.36 23.53
C GLN A 334 -14.25 22.69 23.40
N LEU A 335 -14.73 22.10 24.51
CA LEU A 335 -16.03 21.42 24.55
C LEU A 335 -17.15 22.29 25.12
N ASP A 336 -16.85 23.05 26.16
CA ASP A 336 -17.81 23.96 26.82
C ASP A 336 -17.00 24.93 27.65
N LYS A 337 -17.69 25.76 28.46
CA LYS A 337 -16.99 26.76 29.25
C LYS A 337 -15.81 26.18 30.03
N ASN A 338 -15.94 24.96 30.56
CA ASN A 338 -14.93 24.40 31.45
C ASN A 338 -14.05 23.33 30.84
N ARG A 339 -14.52 22.62 29.82
CA ARG A 339 -13.89 21.37 29.40
C ARG A 339 -13.22 21.53 28.04
N ILE A 340 -12.05 20.89 27.91
CA ILE A 340 -11.23 20.88 26.70
C ILE A 340 -10.93 19.44 26.33
N LEU A 341 -11.15 19.08 25.07
CA LEU A 341 -10.76 17.80 24.51
C LEU A 341 -9.37 17.91 23.90
N ILE A 342 -8.47 16.99 24.26
CA ILE A 342 -7.09 17.02 23.78
C ILE A 342 -6.80 15.66 23.16
N SER A 343 -6.29 15.66 21.93
CA SER A 343 -5.66 14.47 21.35
C SER A 343 -4.18 14.59 21.64
N LEU A 344 -3.57 13.53 22.14
CA LEU A 344 -2.16 13.57 22.48
C LEU A 344 -1.44 12.23 22.24
N GLY A 345 -0.14 12.31 21.98
CA GLY A 345 0.67 11.11 21.90
C GLY A 345 0.85 10.48 20.56
N GLN A 346 1.65 9.41 20.55
CA GLN A 346 2.03 8.68 19.36
C GLN A 346 2.01 7.19 19.64
N HIS A 347 1.66 6.40 18.61
CA HIS A 347 1.54 4.94 18.62
C HIS A 347 0.18 4.48 19.11
N LYS A 348 -0.40 3.52 18.42
CA LYS A 348 -1.75 3.04 18.76
C LYS A 348 -1.93 2.61 20.21
N ASN A 349 -0.87 2.17 20.90
CA ASN A 349 -0.98 1.76 22.30
C ASN A 349 -0.84 2.91 23.29
N HIS A 350 -0.56 4.14 22.80
CA HIS A 350 -0.16 5.22 23.67
C HIS A 350 -0.93 6.51 23.41
N ARG A 351 -1.36 6.76 22.15
CA ARG A 351 -2.07 8.00 21.81
C ARG A 351 -3.46 7.97 22.42
N ARG A 352 -3.94 9.13 22.88
CA ARG A 352 -5.20 9.18 23.62
C ARG A 352 -5.95 10.45 23.32
N LEU A 353 -7.28 10.38 23.40
CA LEU A 353 -8.16 11.53 23.50
C LEU A 353 -8.58 11.65 24.96
N VAL A 354 -8.41 12.85 25.52
CA VAL A 354 -8.52 13.09 26.97
C VAL A 354 -9.31 14.37 27.16
N ILE A 355 -10.29 14.37 28.07
CA ILE A 355 -11.02 15.58 28.46
C ILE A 355 -10.45 16.13 29.75
N VAL A 356 -10.06 17.39 29.75
CA VAL A 356 -9.56 18.12 30.91
C VAL A 356 -10.46 19.28 31.26
N ASP A 357 -10.46 19.67 32.52
CA ASP A 357 -11.32 20.72 33.04
C ASP A 357 -10.48 21.89 33.55
N ARG A 358 -10.81 23.10 33.10
CA ARG A 358 -10.03 24.26 33.48
C ARG A 358 -10.04 24.50 34.99
N ARG A 359 -11.09 24.08 35.69
CA ARG A 359 -11.12 24.23 37.15
C ARG A 359 -10.08 23.35 37.82
N TRP A 360 -9.77 22.21 37.21
CA TRP A 360 -8.65 21.38 37.68
C TRP A 360 -7.32 22.03 37.32
N VAL A 361 -7.21 22.65 36.15
CA VAL A 361 -5.96 23.34 35.82
C VAL A 361 -5.66 24.43 36.84
N GLY A 362 -6.70 25.12 37.33
CA GLY A 362 -6.56 26.21 38.25
C GLY A 362 -6.59 25.83 39.72
N ALA A 363 -6.60 24.55 40.03
CA ALA A 363 -6.60 24.09 41.43
C ALA A 363 -5.29 24.44 42.12
N LYS A 364 -5.37 24.55 43.44
CA LYS A 364 -4.24 25.00 44.21
C LYS A 364 -3.68 23.94 45.14
N THR A 365 -4.24 22.73 45.15
CA THR A 365 -3.79 21.66 46.04
C THR A 365 -3.75 20.34 45.30
N ARG A 366 -2.94 19.40 45.82
CA ARG A 366 -2.92 18.04 45.34
C ARG A 366 -2.33 17.16 46.45
N ALA A 367 -2.78 15.93 46.54
CA ALA A 367 -2.23 14.99 47.51
C ALA A 367 -2.18 13.59 46.91
N THR A 368 -1.31 12.75 47.50
CA THR A 368 -1.03 11.44 46.94
C THR A 368 -0.55 10.52 48.07
N GLN A 369 -0.71 9.22 47.85
CA GLN A 369 -0.13 8.17 48.67
C GLN A 369 0.44 7.15 47.70
N THR A 370 1.72 6.82 47.87
CA THR A 370 2.41 6.02 46.85
C THR A 370 1.73 4.66 46.65
N GLY A 371 1.35 3.98 47.73
CA GLY A 371 0.73 2.68 47.58
C GLY A 371 -0.56 2.70 46.76
N LYS A 372 -1.34 3.77 46.86
CA LYS A 372 -2.60 3.85 46.14
C LYS A 372 -2.45 4.46 44.76
N ASP A 373 -1.48 5.36 44.57
CA ASP A 373 -1.49 6.28 43.42
C ASP A 373 -0.32 6.08 42.47
N LEU A 374 0.51 5.05 42.68
CA LEU A 374 1.75 4.91 41.95
C LEU A 374 1.53 4.84 40.45
N ASP A 375 0.58 4.01 40.00
CA ASP A 375 0.41 3.75 38.58
C ASP A 375 -0.06 4.99 37.83
N SER A 376 -0.91 5.80 38.45
CA SER A 376 -1.48 6.96 37.76
C SER A 376 -0.65 8.25 37.91
N GLN A 377 0.08 8.45 39.02
CA GLN A 377 0.63 9.75 39.35
C GLN A 377 2.13 9.80 39.49
N TRP A 378 2.81 8.66 39.55
CA TRP A 378 4.21 8.67 39.95
C TRP A 378 5.14 8.24 38.83
N THR A 379 6.16 9.07 38.56
CA THR A 379 7.22 8.72 37.61
C THR A 379 8.35 8.09 38.44
N ILE A 380 8.67 6.85 38.11
CA ILE A 380 9.64 6.06 38.89
C ILE A 380 10.57 5.25 37.98
N HIS A 381 10.45 5.40 36.65
CA HIS A 381 11.14 4.47 35.79
C HIS A 381 12.63 4.77 35.69
N THR A 382 13.40 3.70 35.67
CA THR A 382 14.79 3.74 35.22
C THR A 382 14.85 3.07 33.86
N TYR A 383 16.02 3.16 33.21
CA TYR A 383 16.17 2.64 31.87
C TYR A 383 17.20 1.54 31.79
N ILE A 384 16.91 0.50 31.04
CA ILE A 384 17.90 -0.48 30.59
C ILE A 384 18.63 0.19 29.44
N PRO A 385 19.92 0.61 29.60
CA PRO A 385 20.55 1.46 28.58
C PRO A 385 21.08 0.70 27.36
N GLN A 386 20.17 0.04 26.64
CA GLN A 386 20.47 -0.69 25.42
C GLN A 386 19.43 -0.23 24.39
N LYS A 387 19.86 0.40 23.32
CA LYS A 387 18.89 0.97 22.41
C LYS A 387 18.11 -0.14 21.71
N LYS A 388 16.79 0.04 21.63
CA LYS A 388 15.89 -0.97 21.08
C LYS A 388 14.81 -0.23 20.27
N GLY A 389 14.14 -0.95 19.38
CA GLY A 389 13.10 -0.33 18.57
C GLY A 389 13.68 0.81 17.78
N HIS A 390 12.92 1.89 17.69
CA HIS A 390 13.37 3.14 17.06
C HIS A 390 13.68 4.14 18.17
N CYS A 391 14.97 4.36 18.46
N CYS A 391 14.94 4.15 18.59
CA CYS A 391 15.41 5.40 19.39
CA CYS A 391 15.40 5.27 19.34
C CYS A 391 14.72 5.25 20.74
C CYS A 391 14.84 5.25 20.75
N SER A 392 14.59 4.01 21.22
N SER A 392 14.85 3.85 21.22
CA SER A 392 13.96 3.77 22.50
CA SER A 392 14.06 3.75 22.43
C SER A 392 14.86 2.99 23.46
C SER A 392 14.78 2.87 23.45
N TYR A 393 14.53 3.07 24.73
CA TYR A 393 15.05 2.16 25.75
C TYR A 393 13.87 1.40 26.36
N ASN A 394 14.10 0.13 26.72
CA ASN A 394 13.25 -0.57 27.67
C ASN A 394 13.50 -0.05 29.09
N ARG A 395 12.54 -0.26 29.99
CA ARG A 395 12.56 0.32 31.32
C ARG A 395 12.38 -0.74 32.40
N LYS A 396 12.66 -0.36 33.63
CA LYS A 396 12.23 -1.10 34.82
C LYS A 396 11.65 -0.09 35.78
N PRO A 397 10.72 -0.47 36.65
CA PRO A 397 10.43 0.41 37.78
C PRO A 397 11.67 0.54 38.65
N SER A 398 12.05 1.75 39.03
CA SER A 398 13.29 1.92 39.81
C SER A 398 13.06 1.77 41.29
N ALA A 399 11.82 1.61 41.70
CA ALA A 399 11.39 1.54 43.09
C ALA A 399 10.14 0.68 43.15
N GLU A 400 9.94 -0.01 44.29
CA GLU A 400 8.83 -0.94 44.42
C GLU A 400 8.09 -0.69 45.73
N LEU A 401 6.80 -1.04 45.72
CA LEU A 401 5.96 -0.95 46.91
C LEU A 401 6.25 -2.12 47.83
N VAL A 402 6.32 -1.81 49.13
CA VAL A 402 6.48 -2.79 50.20
C VAL A 402 5.48 -2.51 51.30
N GLN A 403 5.33 -3.50 52.19
CA GLN A 403 4.48 -3.31 53.36
C GLN A 403 5.04 -2.22 54.26
N ASP A 404 4.14 -1.41 54.81
CA ASP A 404 4.51 -0.42 55.81
C ASP A 404 4.97 -1.17 57.06
N PRO A 405 6.21 -0.97 57.52
CA PRO A 405 6.67 -1.69 58.72
C PRO A 405 5.90 -1.34 59.99
N SER A 406 5.17 -0.24 60.01
CA SER A 406 4.31 0.08 61.14
C SER A 406 3.11 -0.84 61.25
N GLY A 407 2.92 -1.71 60.27
CA GLY A 407 1.74 -2.55 60.23
C GLY A 407 0.65 -1.95 59.36
N GLY A 408 -0.55 -2.50 59.53
CA GLY A 408 -1.68 -2.04 58.75
C GLY A 408 -1.59 -2.55 57.31
N THR A 409 -2.40 -1.93 56.46
CA THR A 409 -2.54 -2.35 55.06
C THR A 409 -1.90 -1.38 54.08
N LYS A 410 -1.33 -0.29 54.58
CA LYS A 410 -0.63 0.66 53.73
C LYS A 410 0.55 0.00 53.04
N LYS A 411 0.72 0.28 51.75
CA LYS A 411 1.94 -0.04 51.02
C LYS A 411 2.66 1.27 50.72
N VAL A 412 3.99 1.21 50.72
CA VAL A 412 4.83 2.40 50.63
C VAL A 412 6.03 2.10 49.73
N LEU A 413 6.64 3.17 49.22
CA LEU A 413 7.59 3.05 48.13
C LEU A 413 9.04 3.02 48.63
N GLN A 414 9.78 1.99 48.27
CA GLN A 414 11.16 1.84 48.70
C GLN A 414 12.12 2.41 47.63
N ILE A 415 12.89 3.42 48.01
CA ILE A 415 13.77 4.17 47.10
C ILE A 415 15.23 3.92 47.56
N LYS A 416 16.01 3.24 46.74
CA LYS A 416 17.34 2.78 47.12
C LYS A 416 18.25 2.69 45.90
N ARG A 417 19.55 2.55 46.16
CA ARG A 417 20.52 2.20 45.14
C ARG A 417 20.38 0.72 44.82
N LEU A 418 20.12 0.39 43.57
CA LEU A 418 19.77 -0.95 43.13
C LEU A 418 21.03 -1.76 42.79
N ASP A 419 20.94 -3.07 43.04
CA ASP A 419 21.95 -4.02 42.60
C ASP A 419 21.44 -4.69 41.33
N ASP A 420 21.67 -3.99 40.22
CA ASP A 420 21.17 -4.38 38.91
C ASP A 420 22.12 -4.00 37.79
N PRO A 421 22.96 -4.94 37.35
CA PRO A 421 23.95 -4.61 36.31
C PRO A 421 23.33 -4.35 34.96
N GLU A 422 22.06 -4.74 34.78
CA GLU A 422 21.37 -4.48 33.53
C GLU A 422 21.09 -2.99 33.33
N LEU A 423 21.24 -2.19 34.37
CA LEU A 423 21.00 -0.75 34.28
C LEU A 423 22.28 0.05 33.99
N VAL A 424 23.35 -0.63 33.57
CA VAL A 424 24.65 -0.03 33.30
C VAL A 424 25.02 -0.33 31.85
N ASN A 425 25.53 0.70 31.15
CA ASN A 425 26.17 0.51 29.85
C ASN A 425 27.54 1.19 29.92
N GLU A 426 28.60 0.38 29.95
CA GLU A 426 29.92 0.96 30.13
C GLU A 426 30.43 1.71 28.91
N LYS A 427 30.10 1.26 27.70
CA LYS A 427 30.51 1.98 26.51
C LYS A 427 29.85 3.35 26.42
N SER A 428 28.53 3.40 26.64
N SER A 428 28.54 3.43 26.60
CA SER A 428 27.81 4.67 26.63
CA SER A 428 27.90 4.74 26.58
C SER A 428 28.12 5.49 27.86
C SER A 428 28.09 5.49 27.89
N ASN A 429 28.69 4.83 28.89
CA ASN A 429 29.06 5.42 30.16
C ASN A 429 27.89 6.02 30.93
N VAL A 430 26.87 5.18 31.18
CA VAL A 430 25.75 5.54 32.02
C VAL A 430 25.45 4.43 32.99
N ASP A 431 24.92 4.82 34.13
CA ASP A 431 24.65 3.92 35.27
C ASP A 431 23.37 4.44 35.90
N TYR A 432 22.25 3.74 35.63
CA TYR A 432 20.96 4.20 36.11
C TYR A 432 20.46 3.39 37.29
N ARG A 433 21.39 2.96 38.16
CA ARG A 433 21.02 2.14 39.31
C ARG A 433 20.44 2.93 40.50
N ASN A 434 20.47 4.25 40.52
CA ASN A 434 19.86 4.97 41.65
C ASN A 434 18.37 5.10 41.42
N GLY A 435 17.60 4.39 42.24
CA GLY A 435 16.15 4.53 42.20
C GLY A 435 15.67 5.86 42.73
N GLY A 436 14.51 6.27 42.23
CA GLY A 436 13.95 7.54 42.62
C GLY A 436 12.49 7.63 42.16
N ALA A 437 11.91 8.83 42.36
CA ALA A 437 10.47 9.01 42.19
C ALA A 437 10.15 10.50 42.10
N THR A 438 9.20 10.87 41.24
CA THR A 438 8.85 12.28 41.10
C THR A 438 7.36 12.44 40.80
N TRP A 439 6.80 13.54 41.32
CA TRP A 439 5.37 13.75 41.39
C TRP A 439 5.05 15.23 41.15
N ASN A 440 4.00 15.49 40.36
CA ASN A 440 3.62 16.83 39.93
C ASN A 440 2.62 17.48 40.88
N PHE A 441 2.62 18.81 40.93
CA PHE A 441 1.57 19.54 41.62
C PHE A 441 1.39 20.90 40.94
N PRO A 442 0.26 21.56 41.16
CA PRO A 442 0.03 22.85 40.46
C PRO A 442 1.13 23.85 40.75
N ASN A 443 1.53 24.62 39.73
CA ASN A 443 2.67 25.49 39.84
C ASN A 443 2.46 26.59 40.88
N GLY A 444 3.52 26.90 41.61
CA GLY A 444 3.52 28.06 42.50
C GLY A 444 4.89 28.66 42.71
N THR A 445 4.95 30.00 42.72
CA THR A 445 6.14 30.70 43.19
C THR A 445 6.19 30.77 44.72
N THR A 446 5.06 30.52 45.38
CA THR A 446 4.98 30.30 46.83
C THR A 446 4.15 29.05 47.05
N GLY A 447 4.58 28.21 47.99
CA GLY A 447 3.78 27.04 48.28
C GLY A 447 4.32 26.27 49.48
N LEU A 448 3.59 25.21 49.82
CA LEU A 448 3.97 24.34 50.93
C LEU A 448 3.78 22.91 50.47
N VAL A 449 4.84 22.10 50.56
CA VAL A 449 4.77 20.67 50.23
C VAL A 449 5.24 19.91 51.46
N LYS A 450 4.53 18.82 51.78
CA LYS A 450 4.90 17.96 52.90
C LYS A 450 4.98 16.52 52.42
N PHE A 451 5.96 15.77 52.92
CA PHE A 451 6.08 14.36 52.60
C PHE A 451 6.45 13.56 53.83
N ARG A 452 6.06 12.29 53.85
CA ARG A 452 6.31 11.38 54.96
C ARG A 452 7.25 10.26 54.50
N PHE A 453 8.31 10.01 55.27
CA PHE A 453 9.34 9.05 54.87
C PHE A 453 9.85 8.29 56.10
N ARG A 454 10.56 7.19 55.85
CA ARG A 454 11.13 6.37 56.94
C ARG A 454 12.39 5.72 56.42
N VAL A 455 13.42 5.64 57.25
CA VAL A 455 14.63 4.92 56.87
C VAL A 455 14.39 3.43 56.96
N VAL A 456 14.79 2.68 55.94
CA VAL A 456 14.66 1.22 55.98
C VAL A 456 15.68 0.64 56.95
N ASP A 457 15.24 -0.35 57.73
CA ASP A 457 16.09 -1.01 58.73
C ASP A 457 16.88 -2.05 57.97
N GLY A 458 18.12 -1.72 57.65
CA GLY A 458 18.97 -2.63 56.90
C GLY A 458 20.28 -1.95 56.62
N GLU A 459 21.16 -2.68 55.94
CA GLU A 459 22.49 -2.17 55.65
C GLU A 459 22.39 -0.95 54.74
N GLN A 460 23.17 0.07 55.04
CA GLN A 460 23.24 1.30 54.26
C GLN A 460 24.69 1.56 53.91
N ALA A 461 24.91 2.23 52.79
CA ALA A 461 26.24 2.65 52.38
C ALA A 461 26.58 4.02 52.96
N ASP A 462 27.86 4.39 52.85
CA ASP A 462 28.32 5.59 53.52
C ASP A 462 27.65 6.83 52.95
N ASP A 463 27.25 6.80 51.68
CA ASP A 463 26.61 7.93 51.03
C ASP A 463 25.13 7.70 50.80
N SER A 464 24.53 6.72 51.46
CA SER A 464 23.11 6.45 51.30
C SER A 464 22.24 7.59 51.80
N GLY A 465 21.07 7.75 51.18
CA GLY A 465 20.16 8.80 51.57
C GLY A 465 19.27 9.18 50.39
N LEU A 466 18.75 10.40 50.46
CA LEU A 466 17.74 10.84 49.49
C LEU A 466 18.03 12.30 49.18
N GLN A 467 18.20 12.61 47.89
CA GLN A 467 18.27 14.00 47.45
C GLN A 467 16.86 14.46 47.04
N VAL A 468 16.38 15.49 47.70
CA VAL A 468 15.01 15.99 47.58
C VAL A 468 15.08 17.36 46.87
N SER A 469 14.37 17.48 45.74
CA SER A 469 14.44 18.69 44.92
C SER A 469 13.05 19.18 44.52
N LEU A 470 12.87 20.49 44.53
CA LEU A 470 11.71 21.11 43.87
C LEU A 470 12.15 21.60 42.49
N THR A 471 11.40 21.22 41.45
CA THR A 471 11.80 21.50 40.08
C THR A 471 10.64 22.14 39.31
N ASP A 472 10.98 22.69 38.14
CA ASP A 472 10.01 23.34 37.24
C ASP A 472 9.70 22.51 36.00
N ARG A 473 10.20 21.29 35.91
CA ARG A 473 9.70 20.33 34.94
C ARG A 473 10.03 18.93 35.44
N LEU A 474 9.57 17.93 34.72
CA LEU A 474 9.70 16.52 35.14
C LEU A 474 11.10 16.03 34.80
N PHE A 475 11.91 15.74 35.84
CA PHE A 475 13.18 15.11 35.64
C PHE A 475 13.07 13.61 35.91
N ASN A 476 13.79 12.81 35.12
CA ASN A 476 13.67 11.36 35.27
C ASN A 476 14.00 10.92 36.70
N ALA A 477 13.28 9.90 37.16
CA ALA A 477 13.47 9.36 38.50
C ALA A 477 14.91 8.95 38.78
N CYS A 478 15.61 8.50 37.74
CA CYS A 478 16.98 8.00 37.87
C CYS A 478 18.03 9.06 37.54
N ASP A 479 17.64 10.34 37.39
CA ASP A 479 18.58 11.40 37.00
C ASP A 479 19.23 12.05 38.24
N SER A 480 20.48 11.68 38.51
N SER A 480 20.46 11.69 38.52
CA SER A 480 21.19 12.19 39.68
CA SER A 480 21.10 12.23 39.72
C SER A 480 21.69 13.61 39.51
C SER A 480 21.49 13.69 39.57
N THR A 481 21.51 14.21 38.34
CA THR A 481 21.87 15.62 38.13
C THR A 481 20.71 16.58 38.42
N THR A 482 19.52 16.06 38.78
CA THR A 482 18.35 16.90 39.00
C THR A 482 18.65 18.05 39.96
N LYS A 483 19.35 17.75 41.05
CA LYS A 483 19.70 18.77 42.04
C LYS A 483 20.41 19.97 41.42
N ASP A 484 21.20 19.76 40.37
CA ASP A 484 21.95 20.85 39.75
C ASP A 484 21.07 21.85 38.99
N TYR A 485 19.88 21.45 38.62
CA TYR A 485 18.92 22.30 37.93
C TYR A 485 17.77 22.73 38.81
N ALA A 486 17.70 22.24 40.04
CA ALA A 486 16.52 22.42 40.87
C ALA A 486 16.39 23.86 41.37
N LEU A 487 15.14 24.22 41.71
CA LEU A 487 14.86 25.52 42.36
C LEU A 487 15.38 25.49 43.80
N PHE A 488 15.05 24.41 44.53
CA PHE A 488 15.56 24.15 45.88
C PHE A 488 15.93 22.67 45.94
N THR A 489 16.98 22.34 46.70
CA THR A 489 17.37 20.95 46.86
C THR A 489 18.14 20.77 48.17
N PHE A 490 18.04 19.56 48.74
CA PHE A 490 18.79 19.21 49.94
C PHE A 490 18.87 17.71 50.06
N PRO A 491 19.86 17.19 50.79
CA PRO A 491 19.96 15.76 51.02
C PRO A 491 19.52 15.34 52.42
N ILE A 492 18.86 14.21 52.46
CA ILE A 492 18.71 13.40 53.67
C ILE A 492 19.88 12.42 53.65
N ARG A 493 20.73 12.48 54.68
CA ARG A 493 21.89 11.60 54.76
C ARG A 493 21.70 10.57 55.87
N LEU A 494 22.08 9.32 55.60
CA LEU A 494 21.83 8.24 56.58
C LEU A 494 23.04 7.93 57.46
N LYS A 495 24.23 8.31 57.05
CA LYS A 495 25.45 8.04 57.82
C LYS A 495 26.13 9.34 58.19
N PRO A 496 26.83 9.39 59.33
CA PRO A 496 27.01 8.32 60.33
C PRO A 496 25.73 7.95 61.05
N ALA A 497 24.85 8.93 61.21
CA ALA A 497 23.50 8.74 61.72
C ALA A 497 22.57 9.59 60.87
N PRO A 498 21.28 9.31 60.88
CA PRO A 498 20.39 10.03 59.95
C PRO A 498 20.26 11.51 60.29
N HIS A 499 20.28 12.34 59.25
CA HIS A 499 20.14 13.78 59.46
C HIS A 499 19.76 14.45 58.15
N LEU A 500 19.10 15.60 58.27
CA LEU A 500 18.91 16.53 57.13
C LEU A 500 20.16 17.41 57.11
N LEU A 501 20.64 17.72 55.92
CA LEU A 501 21.68 18.74 55.73
C LEU A 501 21.02 19.94 55.07
N LEU A 502 20.89 21.03 55.83
CA LEU A 502 20.23 22.26 55.41
C LEU A 502 21.27 23.37 55.41
N GLY A 503 21.96 23.53 54.29
CA GLY A 503 23.10 24.42 54.21
C GLY A 503 24.28 23.78 54.90
N MET A 504 24.65 24.29 56.07
CA MET A 504 25.69 23.68 56.89
C MET A 504 25.12 23.00 58.12
N LYS A 505 23.86 23.23 58.43
CA LYS A 505 23.23 22.69 59.63
C LYS A 505 22.81 21.25 59.40
N LYS A 506 23.19 20.38 60.32
CA LYS A 506 22.73 19.01 60.36
C LYS A 506 21.61 18.88 61.38
N VAL A 507 20.52 18.23 61.00
CA VAL A 507 19.32 18.11 61.81
C VAL A 507 19.01 16.63 61.97
N PRO A 508 19.28 16.04 63.13
CA PRO A 508 19.15 14.59 63.26
C PRO A 508 17.71 14.14 63.47
N PHE A 509 17.48 12.86 63.15
CA PHE A 509 16.18 12.23 63.37
C PHE A 509 16.37 10.73 63.53
N THR A 510 15.32 10.05 64.00
CA THR A 510 15.46 8.64 64.33
C THR A 510 15.29 7.76 63.08
N PRO A 511 16.14 6.76 62.90
CA PRO A 511 15.84 5.72 61.90
C PRO A 511 14.69 4.84 62.37
N GLY A 512 14.16 4.04 61.46
CA GLY A 512 13.10 3.10 61.85
C GLY A 512 11.83 3.73 62.36
N ALA A 513 11.49 4.93 61.88
CA ALA A 513 10.28 5.62 62.29
C ALA A 513 9.85 6.55 61.16
N TRP A 514 8.55 6.73 61.05
CA TRP A 514 8.01 7.68 60.08
C TRP A 514 8.22 9.10 60.56
N HIS A 515 8.58 9.99 59.62
CA HIS A 515 8.77 11.40 59.89
C HIS A 515 8.17 12.18 58.73
N GLU A 516 7.80 13.43 59.00
CA GLU A 516 7.26 14.32 57.98
C GLU A 516 8.23 15.48 57.83
N ILE A 517 8.44 15.91 56.58
CA ILE A 517 9.22 17.10 56.28
C ILE A 517 8.34 18.03 55.48
N SER A 518 8.39 19.33 55.81
CA SER A 518 7.67 20.36 55.08
C SER A 518 8.67 21.32 54.45
N LEU A 519 8.36 21.78 53.24
CA LEU A 519 9.13 22.80 52.56
C LEU A 519 8.15 23.91 52.20
N LEU A 520 8.36 25.09 52.77
CA LEU A 520 7.51 26.25 52.54
C LEU A 520 8.40 27.21 51.76
N TRP A 521 8.10 27.40 50.47
CA TRP A 521 8.97 28.21 49.65
C TRP A 521 8.25 29.50 49.26
N GLN A 522 9.05 30.55 49.12
CA GLN A 522 8.54 31.87 48.72
C GLN A 522 9.73 32.63 48.16
N GLY A 523 9.63 33.09 46.92
CA GLY A 523 10.76 33.82 46.34
C GLY A 523 12.01 32.96 46.31
N GLY A 524 13.10 33.51 46.85
CA GLY A 524 14.39 32.86 46.76
C GLY A 524 14.77 32.05 47.99
N GLN A 525 13.80 31.68 48.83
CA GLN A 525 14.20 30.83 49.95
C GLN A 525 13.05 29.92 50.36
N ALA A 526 13.43 28.83 51.03
CA ALA A 526 12.47 27.89 51.54
C ALA A 526 12.78 27.61 53.01
N VAL A 527 11.72 27.46 53.79
CA VAL A 527 11.84 27.03 55.19
C VAL A 527 11.52 25.55 55.26
N VAL A 528 12.37 24.79 55.94
CA VAL A 528 12.23 23.33 56.06
C VAL A 528 11.86 23.00 57.50
N SER A 529 10.81 22.21 57.67
CA SER A 529 10.38 21.75 58.99
C SER A 529 10.44 20.24 59.06
N LEU A 530 10.62 19.71 60.28
CA LEU A 530 10.66 18.28 60.53
C LEU A 530 9.69 17.99 61.66
N ASP A 531 8.75 17.08 61.42
CA ASP A 531 7.77 16.67 62.42
C ASP A 531 7.14 17.89 63.10
N GLY A 532 6.86 18.92 62.31
CA GLY A 532 6.16 20.09 62.79
C GLY A 532 7.03 21.18 63.40
N LYS A 533 8.34 21.04 63.38
CA LYS A 533 9.25 21.96 64.03
C LYS A 533 10.22 22.51 63.00
N LYS A 534 10.40 23.84 62.98
CA LYS A 534 11.34 24.42 62.04
C LYS A 534 12.71 23.79 62.20
N ALA A 535 13.33 23.42 61.08
CA ALA A 535 14.64 22.78 61.05
C ALA A 535 15.73 23.63 60.41
N GLY A 536 15.42 24.42 59.41
CA GLY A 536 16.44 25.19 58.75
C GLY A 536 15.85 25.90 57.54
N THR A 537 16.72 26.46 56.73
CA THR A 537 16.31 27.22 55.56
C THR A 537 17.23 26.86 54.41
N LEU A 538 16.73 27.05 53.19
CA LEU A 538 17.50 26.79 51.99
C LEU A 538 17.39 28.01 51.07
N LYS A 539 18.50 28.33 50.44
CA LYS A 539 18.57 29.37 49.43
C LYS A 539 18.28 28.74 48.06
N MET A 540 17.53 29.47 47.24
CA MET A 540 17.25 29.01 45.89
C MET A 540 18.55 28.77 45.13
N ALA A 541 18.65 27.58 44.50
CA ALA A 541 19.82 27.20 43.73
C ALA A 541 19.75 27.64 42.27
N ASN A 542 18.54 27.65 41.72
CA ASN A 542 18.31 28.11 40.37
C ASN A 542 16.99 28.86 40.31
N LYS A 543 16.99 30.00 39.60
CA LYS A 543 15.75 30.72 39.35
C LYS A 543 14.87 29.97 38.34
N SER A 544 13.59 30.30 38.35
CA SER A 544 12.65 29.73 37.38
C SER A 544 11.83 30.86 36.76
N PRO A 545 11.47 30.76 35.47
CA PRO A 545 10.49 31.71 34.94
C PRO A 545 9.08 31.48 35.45
N ASN A 546 8.79 30.30 36.01
CA ASN A 546 7.43 29.90 36.32
C ASN A 546 7.18 29.64 37.80
N GLY A 547 8.03 28.84 38.45
CA GLY A 547 7.83 28.40 39.82
C GLY A 547 8.04 26.92 39.92
N ALA A 548 7.71 26.36 41.08
CA ALA A 548 7.84 24.93 41.27
C ALA A 548 6.54 24.19 40.97
N SER A 549 6.68 23.00 40.31
CA SER A 549 5.56 22.14 39.97
C SER A 549 5.89 20.65 40.08
N TYR A 550 7.06 20.29 40.63
CA TYR A 550 7.42 18.89 40.87
C TYR A 550 8.23 18.83 42.15
N ILE A 551 8.08 17.71 42.85
CA ILE A 551 9.06 17.29 43.85
C ILE A 551 9.69 16.01 43.34
N HIS A 552 11.01 15.91 43.51
CA HIS A 552 11.82 14.83 42.95
C HIS A 552 12.63 14.25 44.09
N PHE A 553 12.62 12.92 44.21
CA PHE A 553 13.35 12.19 45.26
C PHE A 553 14.26 11.19 44.55
N ILE A 554 15.56 11.17 44.88
CA ILE A 554 16.42 10.17 44.26
C ILE A 554 17.41 9.68 45.31
N SER A 555 17.62 8.36 45.33
CA SER A 555 18.58 7.76 46.25
C SER A 555 19.97 8.29 45.94
N THR A 556 20.85 8.31 46.97
CA THR A 556 22.19 8.86 46.81
C THR A 556 23.29 7.80 47.01
N GLY A 557 22.94 6.60 47.45
CA GLY A 557 23.98 5.60 47.69
C GLY A 557 24.67 5.23 46.41
N SER A 558 25.99 4.93 46.51
CA SER A 558 26.75 4.49 45.36
C SER A 558 27.05 3.01 45.40
N GLN A 559 26.54 2.30 46.38
CA GLN A 559 26.59 0.85 46.48
C GLN A 559 25.21 0.39 46.94
N PRO A 560 24.85 -0.86 46.67
CA PRO A 560 23.50 -1.32 47.01
C PRO A 560 23.19 -1.14 48.48
N ASP A 561 22.00 -0.63 48.78
CA ASP A 561 21.61 -0.20 50.11
C ASP A 561 20.14 -0.54 50.35
N ALA A 562 19.66 -0.23 51.56
CA ALA A 562 18.27 -0.46 51.90
C ALA A 562 17.44 0.79 51.61
N GLY A 563 18.03 1.96 51.75
CA GLY A 563 17.35 3.19 51.36
C GLY A 563 16.26 3.64 52.32
N ILE A 564 15.19 4.21 51.75
CA ILE A 564 14.16 4.92 52.50
C ILE A 564 12.81 4.52 51.92
N LEU A 565 11.77 4.72 52.70
CA LEU A 565 10.38 4.47 52.30
C LEU A 565 9.67 5.81 52.19
N LEU A 566 8.85 5.96 51.15
CA LEU A 566 8.06 7.18 50.93
C LEU A 566 6.57 6.84 50.92
N ASP A 567 5.80 7.58 51.75
CA ASP A 567 4.38 7.30 51.95
C ASP A 567 3.54 8.36 51.25
N THR A 568 3.23 9.47 51.89
CA THR A 568 2.34 10.49 51.35
C THR A 568 3.12 11.72 50.95
N VAL A 569 2.54 12.46 49.99
CA VAL A 569 2.94 13.82 49.62
C VAL A 569 1.69 14.68 49.46
N ASN A 570 1.76 15.92 49.91
CA ASN A 570 0.70 16.87 49.58
C ASN A 570 1.31 18.24 49.29
N ALA A 571 0.59 19.02 48.48
CA ALA A 571 1.06 20.32 48.06
C ALA A 571 -0.09 21.31 48.08
N ARG A 572 0.23 22.54 48.45
CA ARG A 572 -0.65 23.69 48.35
C ARG A 572 0.16 24.88 47.88
N VAL A 573 -0.34 25.59 46.87
CA VAL A 573 0.36 26.73 46.32
C VAL A 573 -0.53 27.97 46.43
N LYS A 574 0.12 29.11 46.39
CA LYS A 574 -0.58 30.38 46.50
C LYS A 574 -1.13 30.74 45.12
N ALA A 575 -4.02 31.80 45.14
CA ALA A 575 -3.74 32.22 43.77
C ALA A 575 -2.67 33.31 43.76
N ALA A 576 -2.03 33.50 42.61
CA ALA A 576 -1.10 34.61 42.42
C ALA A 576 -1.81 35.77 41.71
N VAL B 4 5.47 -3.67 -9.84
CA VAL B 4 5.64 -4.96 -10.50
C VAL B 4 5.45 -4.81 -12.03
N PRO B 5 6.34 -5.44 -12.81
CA PRO B 5 6.39 -5.12 -14.23
C PRO B 5 5.23 -5.71 -15.01
N GLU B 6 4.71 -4.88 -15.91
CA GLU B 6 3.82 -5.33 -16.96
C GLU B 6 4.62 -6.20 -17.95
N PRO B 7 3.91 -6.96 -18.78
CA PRO B 7 4.61 -7.77 -19.78
C PRO B 7 5.48 -6.91 -20.67
N GLU B 8 6.64 -7.46 -21.03
CA GLU B 8 7.67 -6.75 -21.79
C GLU B 8 8.07 -7.55 -23.02
N VAL B 9 7.91 -6.96 -24.21
CA VAL B 9 8.42 -7.57 -25.43
C VAL B 9 9.92 -7.38 -25.49
N VAL B 10 10.65 -8.47 -25.72
CA VAL B 10 12.12 -8.42 -25.81
C VAL B 10 12.67 -8.82 -27.17
N ALA B 11 11.91 -9.48 -28.04
CA ALA B 11 12.46 -9.92 -29.32
C ALA B 11 11.36 -10.53 -30.16
N THR B 12 11.71 -10.81 -31.42
CA THR B 12 10.87 -11.57 -32.33
C THR B 12 11.54 -12.91 -32.59
N PRO B 13 10.91 -14.05 -32.32
CA PRO B 13 11.55 -15.34 -32.58
C PRO B 13 11.68 -15.60 -34.07
N PRO B 14 12.60 -16.48 -34.47
CA PRO B 14 12.89 -16.74 -35.88
C PRO B 14 11.99 -17.79 -36.51
N ALA B 15 10.99 -18.22 -35.76
CA ALA B 15 9.98 -19.17 -36.20
C ALA B 15 8.71 -18.82 -35.43
N ASP B 16 7.58 -19.30 -35.94
CA ASP B 16 6.33 -19.18 -35.20
C ASP B 16 6.52 -19.90 -33.86
N ALA B 17 5.82 -19.42 -32.83
CA ALA B 17 6.00 -19.99 -31.50
C ALA B 17 5.41 -21.39 -31.38
N GLY B 18 5.86 -22.09 -30.34
CA GLY B 18 5.26 -23.35 -29.92
C GLY B 18 6.26 -24.50 -29.86
N ARG B 19 7.41 -24.35 -30.52
CA ARG B 19 8.47 -25.36 -30.57
C ARG B 19 9.79 -24.63 -30.76
N GLY B 20 10.85 -25.18 -30.18
CA GLY B 20 12.20 -24.70 -30.44
C GLY B 20 12.81 -23.78 -29.42
N LEU B 21 12.07 -23.36 -28.41
CA LEU B 21 12.63 -22.54 -27.34
C LEU B 21 13.21 -23.45 -26.28
N ILE B 22 14.49 -23.26 -25.96
CA ILE B 22 15.20 -24.21 -25.11
C ILE B 22 16.26 -23.52 -24.25
N ARG B 23 16.24 -23.79 -22.94
CA ARG B 23 17.31 -23.32 -22.07
C ARG B 23 18.56 -24.19 -22.26
N VAL B 24 19.71 -23.53 -22.39
CA VAL B 24 21.01 -24.18 -22.53
C VAL B 24 21.72 -24.29 -21.19
N ASP B 25 21.76 -23.21 -20.44
CA ASP B 25 22.33 -23.19 -19.10
C ASP B 25 21.69 -22.05 -18.32
N SER B 26 22.26 -21.71 -17.17
CA SER B 26 21.63 -20.71 -16.30
C SER B 26 21.46 -19.34 -16.95
N ARG B 27 22.25 -19.00 -17.97
CA ARG B 27 22.18 -17.69 -18.61
C ARG B 27 21.90 -17.73 -20.11
N GLU B 28 22.01 -18.89 -20.76
CA GLU B 28 21.90 -19.00 -22.20
C GLU B 28 20.59 -19.68 -22.57
N ILE B 29 19.83 -19.05 -23.46
CA ILE B 29 18.56 -19.57 -23.95
C ILE B 29 18.55 -19.40 -25.48
N ARG B 30 18.05 -20.41 -26.20
CA ARG B 30 18.00 -20.37 -27.65
C ARG B 30 16.58 -20.59 -28.15
N HIS B 31 16.28 -20.04 -29.34
CA HIS B 31 15.08 -20.39 -30.08
C HIS B 31 15.52 -20.82 -31.46
N TYR B 32 15.32 -22.08 -31.79
CA TYR B 32 15.69 -22.64 -33.08
C TYR B 32 14.63 -22.23 -34.13
N SER B 33 14.84 -22.65 -35.38
CA SER B 33 14.05 -22.17 -36.51
C SER B 33 13.73 -23.32 -37.44
N GLY B 34 12.81 -23.06 -38.36
CA GLY B 34 12.43 -23.93 -39.44
C GLY B 34 13.23 -23.80 -40.71
N THR B 35 14.33 -23.07 -40.69
CA THR B 35 15.05 -22.82 -41.93
C THR B 35 15.33 -24.11 -42.71
N ARG B 36 15.25 -23.98 -44.04
N ARG B 36 15.24 -24.00 -44.03
CA ARG B 36 15.63 -25.04 -44.96
CA ARG B 36 15.64 -25.08 -44.94
C ARG B 36 17.10 -24.97 -45.31
C ARG B 36 17.08 -24.93 -45.39
N LYS B 37 17.78 -23.90 -44.91
CA LYS B 37 19.19 -23.72 -45.25
C LYS B 37 20.02 -24.22 -44.07
N GLU B 38 21.21 -23.65 -43.88
CA GLU B 38 22.05 -24.08 -42.77
C GLU B 38 21.35 -23.70 -41.47
N PRO B 39 21.21 -24.64 -40.52
CA PRO B 39 20.45 -24.32 -39.31
C PRO B 39 21.02 -23.18 -38.50
N ASP B 40 20.13 -22.46 -37.82
CA ASP B 40 20.49 -21.31 -37.02
C ASP B 40 19.58 -21.26 -35.78
N TYR B 41 19.78 -20.25 -34.96
CA TYR B 41 18.94 -20.01 -33.82
C TYR B 41 19.13 -18.57 -33.35
N LEU B 42 18.13 -18.10 -32.62
CA LEU B 42 18.21 -16.84 -31.90
C LEU B 42 18.66 -17.14 -30.47
N VAL B 43 19.67 -16.42 -29.98
CA VAL B 43 20.27 -16.74 -28.69
C VAL B 43 20.33 -15.51 -27.81
N SER B 44 20.06 -15.73 -26.53
CA SER B 44 20.29 -14.77 -25.46
C SER B 44 21.35 -15.36 -24.54
N ARG B 45 22.33 -14.53 -24.15
CA ARG B 45 23.34 -14.94 -23.17
C ARG B 45 23.18 -14.20 -21.85
N ASP B 46 22.12 -13.44 -21.67
CA ASP B 46 21.80 -12.70 -20.46
C ASP B 46 20.44 -13.09 -19.93
N ASN B 47 20.13 -14.38 -20.02
CA ASN B 47 18.94 -14.95 -19.40
C ASN B 47 17.64 -14.29 -19.89
N GLY B 48 17.60 -13.99 -21.18
CA GLY B 48 16.37 -13.63 -21.86
C GLY B 48 16.21 -12.16 -22.17
N LYS B 49 17.18 -11.32 -21.82
CA LYS B 49 16.99 -9.88 -21.99
C LYS B 49 17.33 -9.41 -23.40
N THR B 50 18.43 -9.87 -23.99
CA THR B 50 18.85 -9.47 -25.31
C THR B 50 19.16 -10.68 -26.16
N TRP B 51 19.00 -10.52 -27.48
CA TRP B 51 18.98 -11.62 -28.43
C TRP B 51 19.68 -11.26 -29.72
N GLU B 52 20.27 -12.28 -30.35
CA GLU B 52 20.83 -12.16 -31.68
C GLU B 52 20.85 -13.52 -32.38
N MET B 53 20.83 -13.49 -33.71
CA MET B 53 20.97 -14.71 -34.48
C MET B 53 22.39 -15.25 -34.51
N LYS B 54 22.48 -16.57 -34.60
CA LYS B 54 23.75 -17.28 -34.69
C LYS B 54 23.57 -18.55 -35.51
N ALA B 55 24.58 -18.88 -36.32
CA ALA B 55 24.56 -20.15 -37.03
C ALA B 55 24.85 -21.29 -36.07
N ALA B 56 24.13 -22.41 -36.25
CA ALA B 56 24.39 -23.60 -35.45
C ALA B 56 25.70 -24.24 -35.90
N PRO B 57 26.34 -25.00 -35.02
CA PRO B 57 27.62 -25.64 -35.38
C PRO B 57 27.41 -26.83 -36.29
N ALA B 58 28.53 -27.29 -36.87
CA ALA B 58 28.47 -28.28 -37.94
C ALA B 58 27.89 -29.63 -37.52
N GLY B 59 27.88 -29.96 -36.24
CA GLY B 59 27.32 -31.24 -35.86
C GLY B 59 25.81 -31.26 -35.68
N TYR B 60 25.16 -30.09 -35.73
CA TYR B 60 23.71 -29.99 -35.48
C TYR B 60 22.96 -30.26 -36.79
N PRO B 61 22.01 -31.19 -36.81
CA PRO B 61 21.46 -31.63 -38.10
C PRO B 61 20.55 -30.58 -38.71
N PRO B 62 20.50 -30.49 -40.03
CA PRO B 62 19.49 -29.64 -40.68
C PRO B 62 18.10 -30.18 -40.43
N ASN B 63 17.13 -29.33 -40.79
CA ASN B 63 15.73 -29.72 -40.69
C ASN B 63 15.39 -30.56 -41.91
N TYR B 64 15.46 -31.87 -41.78
CA TYR B 64 15.06 -32.76 -42.88
C TYR B 64 13.56 -32.78 -43.01
N GLY B 65 12.86 -32.89 -41.89
CA GLY B 65 11.42 -32.72 -41.84
C GLY B 65 11.03 -31.31 -41.46
N GLY B 66 9.78 -31.17 -41.04
CA GLY B 66 9.25 -29.90 -40.61
C GLY B 66 8.79 -29.02 -41.75
N ILE B 67 8.56 -27.76 -41.40
CA ILE B 67 8.10 -26.75 -42.37
C ILE B 67 8.83 -25.45 -42.09
N PRO B 68 8.96 -24.58 -43.11
CA PRO B 68 9.85 -23.42 -42.95
C PRO B 68 9.51 -22.47 -41.81
N LYS B 69 8.25 -22.37 -41.40
CA LYS B 69 7.85 -21.39 -40.40
C LYS B 69 7.86 -21.90 -38.97
N GLU B 70 8.16 -23.19 -38.73
CA GLU B 70 8.12 -23.82 -37.42
C GLU B 70 9.43 -24.52 -37.15
N SER B 71 9.95 -24.33 -35.94
CA SER B 71 11.14 -25.04 -35.50
C SER B 71 10.76 -26.45 -35.10
N PRO B 72 11.72 -27.37 -35.10
CA PRO B 72 11.52 -28.61 -34.37
C PRO B 72 11.40 -28.33 -32.87
N ALA B 73 10.71 -29.23 -32.18
CA ALA B 73 10.71 -29.25 -30.71
C ALA B 73 12.00 -29.86 -30.20
N ILE B 74 12.59 -29.21 -29.22
CA ILE B 74 13.84 -29.65 -28.59
C ILE B 74 13.60 -29.71 -27.09
N VAL B 75 13.83 -30.88 -26.48
CA VAL B 75 13.49 -31.13 -25.07
C VAL B 75 14.66 -31.85 -24.39
N ARG B 76 15.00 -31.39 -23.19
CA ARG B 76 16.06 -32.05 -22.40
C ARG B 76 15.53 -33.24 -21.61
N ASN B 77 16.17 -34.36 -21.78
CA ASN B 77 15.94 -35.54 -20.92
C ASN B 77 16.46 -35.25 -19.52
N PRO B 78 15.62 -35.31 -18.49
CA PRO B 78 16.09 -34.89 -17.16
C PRO B 78 17.03 -35.87 -16.50
N LEU B 79 17.07 -37.11 -16.98
CA LEU B 79 17.99 -38.11 -16.42
C LEU B 79 19.33 -38.08 -17.12
N THR B 80 19.36 -38.08 -18.43
CA THR B 80 20.64 -38.08 -19.14
C THR B 80 21.20 -36.70 -19.36
N ARG B 81 20.36 -35.66 -19.27
N ARG B 81 20.37 -35.66 -19.27
CA ARG B 81 20.69 -34.27 -19.55
CA ARG B 81 20.74 -34.28 -19.56
C ARG B 81 20.98 -34.01 -21.01
C ARG B 81 21.11 -34.04 -21.02
N GLU B 82 20.81 -35.00 -21.89
CA GLU B 82 20.89 -34.82 -23.31
C GLU B 82 19.54 -34.39 -23.85
N PHE B 83 19.47 -34.20 -25.16
CA PHE B 83 18.30 -33.61 -25.80
C PHE B 83 17.70 -34.56 -26.83
N ILE B 84 16.37 -34.47 -27.02
CA ILE B 84 15.65 -35.14 -28.07
C ILE B 84 15.02 -34.07 -28.95
N ARG B 85 15.01 -34.31 -30.26
CA ARG B 85 14.47 -33.36 -31.23
C ARG B 85 13.54 -34.10 -32.18
N VAL B 86 12.31 -33.55 -32.38
CA VAL B 86 11.37 -34.04 -33.36
C VAL B 86 10.81 -32.80 -34.04
N GLN B 87 10.29 -32.99 -35.25
CA GLN B 87 9.73 -31.89 -36.03
C GLN B 87 8.26 -31.77 -35.75
N PRO B 88 7.65 -30.65 -36.22
CA PRO B 88 6.17 -30.56 -36.17
C PRO B 88 5.49 -31.59 -37.04
N ILE B 89 6.16 -32.00 -38.11
CA ILE B 89 5.65 -33.03 -39.00
C ILE B 89 6.82 -33.55 -39.82
N GLY B 90 6.87 -34.88 -39.98
CA GLY B 90 7.89 -35.48 -40.82
C GLY B 90 9.25 -35.57 -40.13
N GLY B 91 10.26 -35.94 -40.93
CA GLY B 91 11.62 -36.00 -40.43
C GLY B 91 11.84 -37.10 -39.41
N PHE B 92 12.89 -36.90 -38.62
CA PHE B 92 13.53 -37.96 -37.85
C PHE B 92 13.56 -37.62 -36.37
N VAL B 93 14.00 -38.60 -35.58
CA VAL B 93 14.21 -38.47 -34.14
C VAL B 93 15.71 -38.35 -33.89
N PHE B 94 16.17 -37.22 -33.40
CA PHE B 94 17.58 -36.97 -33.14
C PHE B 94 17.82 -36.86 -31.64
N LEU B 95 18.94 -37.48 -31.18
CA LEU B 95 19.36 -37.51 -29.80
C LEU B 95 20.78 -36.98 -29.72
N SER B 96 21.05 -36.13 -28.72
CA SER B 96 22.38 -35.54 -28.61
C SER B 96 23.30 -36.40 -27.72
N ARG B 97 24.60 -36.19 -27.95
CA ARG B 97 25.66 -36.76 -27.09
C ARG B 97 26.70 -35.66 -26.94
N GLY B 98 26.71 -35.01 -25.79
CA GLY B 98 27.52 -33.84 -25.55
C GLY B 98 26.77 -32.53 -25.69
N GLY B 99 25.43 -32.56 -25.61
CA GLY B 99 24.64 -31.33 -25.67
C GLY B 99 24.30 -30.89 -27.07
N LEU B 100 23.65 -29.72 -27.12
CA LEU B 100 23.16 -29.19 -28.39
C LEU B 100 24.30 -28.93 -29.38
N ASP B 101 25.47 -28.57 -28.88
CA ASP B 101 26.65 -28.31 -29.69
C ASP B 101 27.63 -29.49 -29.64
N GLY B 102 27.12 -30.68 -29.34
CA GLY B 102 27.90 -31.90 -29.43
C GLY B 102 27.53 -32.77 -30.62
N LYS B 103 27.68 -34.06 -30.43
CA LYS B 103 27.34 -35.03 -31.47
C LYS B 103 25.83 -35.28 -31.44
N TRP B 104 25.23 -35.46 -32.63
CA TRP B 104 23.86 -35.89 -32.70
C TRP B 104 23.76 -37.21 -33.45
N LEU B 105 22.84 -38.06 -33.01
CA LEU B 105 22.60 -39.35 -33.62
C LEU B 105 21.12 -39.49 -33.94
N ALA B 106 20.83 -40.18 -35.02
CA ALA B 106 19.46 -40.37 -35.46
C ALA B 106 19.00 -41.79 -35.15
N VAL B 107 17.76 -41.93 -34.69
CA VAL B 107 17.20 -43.21 -34.29
C VAL B 107 16.81 -44.00 -35.52
N THR B 108 17.23 -45.27 -35.60
CA THR B 108 16.88 -46.11 -36.73
C THR B 108 15.60 -46.88 -36.46
N ASN B 109 15.05 -47.46 -37.53
CA ASN B 109 13.86 -48.28 -37.41
C ASN B 109 14.06 -49.48 -36.50
N ASP B 110 15.31 -49.97 -36.37
CA ASP B 110 15.57 -51.15 -35.55
C ASP B 110 16.09 -50.81 -34.16
N GLY B 111 15.93 -49.55 -33.72
CA GLY B 111 16.26 -49.23 -32.34
C GLY B 111 17.73 -48.97 -32.08
N LYS B 112 18.47 -48.63 -33.10
CA LYS B 112 19.87 -48.28 -33.00
C LYS B 112 20.05 -46.79 -33.29
N LEU B 113 21.30 -46.36 -33.18
CA LEU B 113 21.66 -44.97 -33.40
C LEU B 113 22.59 -44.85 -34.60
N GLU B 114 22.19 -44.01 -35.55
CA GLU B 114 22.96 -43.74 -36.76
C GLU B 114 23.75 -42.45 -36.58
N GLU B 115 25.08 -42.56 -36.63
CA GLU B 115 25.98 -41.42 -36.51
C GLU B 115 26.14 -40.69 -37.83
N ASP B 116 26.03 -41.41 -38.93
CA ASP B 116 26.36 -40.90 -40.26
C ASP B 116 25.11 -40.47 -41.03
N TRP B 117 24.27 -39.67 -40.38
CA TRP B 117 23.01 -39.26 -41.01
C TRP B 117 23.20 -38.24 -42.12
N LYS B 118 24.40 -37.67 -42.27
CA LYS B 118 24.63 -36.83 -43.44
C LYS B 118 24.60 -37.63 -44.72
N ASP B 119 24.77 -38.95 -44.63
CA ASP B 119 24.69 -39.82 -45.80
C ASP B 119 23.25 -40.05 -46.19
N PRO B 120 22.80 -39.59 -47.36
CA PRO B 120 21.38 -39.75 -47.71
C PRO B 120 20.92 -41.20 -47.74
N GLU B 121 21.80 -42.14 -48.07
CA GLU B 121 21.40 -43.55 -48.11
C GLU B 121 21.09 -44.06 -46.71
N LYS B 122 21.85 -43.62 -45.72
CA LYS B 122 21.59 -44.08 -44.36
C LYS B 122 20.33 -43.47 -43.76
N ARG B 123 19.84 -42.36 -44.32
CA ARG B 123 18.61 -41.79 -43.78
C ARG B 123 17.37 -42.59 -44.14
N LYS B 124 17.45 -43.51 -45.12
CA LYS B 124 16.27 -44.23 -45.56
C LYS B 124 15.73 -45.18 -44.49
N ASN B 125 16.58 -45.70 -43.60
CA ASN B 125 16.11 -46.61 -42.57
C ASN B 125 15.94 -45.97 -41.20
N LEU B 126 15.79 -44.65 -41.14
CA LEU B 126 15.57 -43.99 -39.86
C LEU B 126 14.10 -44.01 -39.48
N LYS B 127 13.86 -43.98 -38.17
CA LYS B 127 12.53 -43.92 -37.63
C LYS B 127 11.84 -42.61 -38.00
N LYS B 128 10.61 -42.73 -38.47
CA LYS B 128 9.79 -41.57 -38.83
C LYS B 128 8.49 -41.66 -38.04
N LEU B 129 8.37 -40.83 -37.02
CA LEU B 129 7.14 -40.77 -36.25
C LEU B 129 6.07 -40.01 -37.02
N GLY B 130 4.86 -40.55 -37.01
CA GLY B 130 3.79 -40.03 -37.84
C GLY B 130 2.98 -38.92 -37.18
N GLY B 131 2.13 -38.30 -38.00
CA GLY B 131 1.22 -37.28 -37.52
C GLY B 131 1.85 -35.89 -37.38
N ILE B 132 1.00 -34.95 -36.97
CA ILE B 132 1.43 -33.62 -36.56
C ILE B 132 1.76 -33.69 -35.07
N MET B 133 3.00 -33.41 -34.72
CA MET B 133 3.54 -33.69 -33.40
C MET B 133 3.68 -32.40 -32.62
N ARG B 134 3.50 -32.47 -31.31
CA ARG B 134 3.80 -31.36 -30.43
C ARG B 134 5.05 -31.69 -29.60
N THR B 135 5.04 -31.47 -28.29
CA THR B 135 6.29 -31.43 -27.53
C THR B 135 6.54 -32.75 -26.84
N PRO B 136 7.69 -33.39 -27.07
CA PRO B 136 8.06 -34.52 -26.20
C PRO B 136 8.01 -34.10 -24.75
N VAL B 137 7.46 -34.97 -23.90
CA VAL B 137 7.44 -34.71 -22.46
C VAL B 137 7.92 -35.93 -21.70
N PHE B 138 8.88 -35.71 -20.80
CA PHE B 138 9.42 -36.78 -19.93
C PHE B 138 8.58 -36.88 -18.68
N VAL B 139 8.15 -38.12 -18.34
CA VAL B 139 7.23 -38.40 -17.26
C VAL B 139 7.77 -39.60 -16.47
N ASN B 140 7.19 -39.84 -15.30
CA ASN B 140 7.54 -40.98 -14.43
C ASN B 140 9.00 -40.94 -14.02
N LYS B 141 9.36 -39.90 -13.28
CA LYS B 141 10.76 -39.68 -12.87
C LYS B 141 11.72 -39.79 -14.06
N GLY B 142 11.29 -39.21 -15.20
CA GLY B 142 12.13 -39.14 -16.38
C GLY B 142 12.26 -40.41 -17.19
N ARG B 143 11.56 -41.48 -16.80
CA ARG B 143 11.83 -42.77 -17.39
C ARG B 143 11.07 -43.06 -18.68
N ARG B 144 10.05 -42.26 -19.02
CA ARG B 144 9.28 -42.41 -20.25
C ARG B 144 9.20 -41.04 -20.93
N VAL B 145 9.25 -41.04 -22.25
CA VAL B 145 9.00 -39.83 -23.04
C VAL B 145 7.79 -40.10 -23.92
N ILE B 146 6.92 -39.08 -23.99
N ILE B 146 6.84 -39.17 -23.93
CA ILE B 146 5.67 -39.08 -24.73
CA ILE B 146 5.69 -39.27 -24.83
C ILE B 146 5.75 -37.97 -25.76
C ILE B 146 5.60 -38.01 -25.70
N VAL B 147 5.21 -38.22 -26.96
CA VAL B 147 5.04 -37.13 -27.94
C VAL B 147 3.60 -37.15 -28.42
N PRO B 148 2.80 -36.13 -28.11
CA PRO B 148 1.44 -36.06 -28.69
C PRO B 148 1.51 -35.89 -30.20
N PHE B 149 0.64 -36.60 -30.91
CA PHE B 149 0.48 -36.43 -32.34
C PHE B 149 -0.99 -36.54 -32.74
N HIS B 150 -1.35 -35.84 -33.81
CA HIS B 150 -2.73 -35.86 -34.25
C HIS B 150 -2.86 -35.95 -35.75
N ASN B 151 -4.10 -36.31 -36.11
CA ASN B 151 -4.69 -36.19 -37.43
C ASN B 151 -5.90 -35.28 -37.27
N MET B 152 -6.05 -34.33 -38.22
CA MET B 152 -7.05 -33.27 -38.12
C MET B 152 -8.41 -33.79 -37.73
N GLY B 153 -8.91 -34.80 -38.46
CA GLY B 153 -10.24 -35.33 -38.24
C GLY B 153 -10.25 -36.58 -37.37
N GLY B 154 -9.07 -37.14 -37.13
CA GLY B 154 -8.94 -38.43 -36.49
C GLY B 154 -8.68 -38.42 -34.99
N GLY B 155 -8.03 -37.38 -34.48
CA GLY B 155 -7.81 -37.20 -33.05
C GLY B 155 -6.34 -37.32 -32.68
N THR B 156 -6.08 -37.15 -31.37
CA THR B 156 -4.74 -37.23 -30.81
C THR B 156 -4.46 -38.61 -30.21
N LYS B 157 -3.26 -39.11 -30.46
CA LYS B 157 -2.69 -40.25 -29.73
C LYS B 157 -1.26 -39.87 -29.34
N PHE B 158 -0.50 -40.82 -28.77
CA PHE B 158 0.81 -40.51 -28.20
C PHE B 158 1.85 -41.51 -28.66
N HIS B 159 2.95 -41.00 -29.18
CA HIS B 159 4.15 -41.82 -29.39
C HIS B 159 4.84 -41.98 -28.04
N ILE B 160 5.20 -43.21 -27.67
CA ILE B 160 5.72 -43.52 -26.34
C ILE B 160 7.03 -44.27 -26.49
N SER B 161 8.06 -43.81 -25.77
CA SER B 161 9.33 -44.56 -25.66
C SER B 161 9.70 -44.74 -24.20
N ASP B 162 10.08 -45.99 -23.84
CA ASP B 162 10.56 -46.32 -22.49
C ASP B 162 12.07 -46.48 -22.41
N ASP B 163 12.82 -46.12 -23.44
CA ASP B 163 14.29 -46.21 -23.46
C ASP B 163 14.94 -44.94 -24.01
N GLY B 164 14.36 -43.78 -23.71
CA GLY B 164 14.97 -42.51 -24.04
C GLY B 164 14.85 -42.08 -25.48
N GLY B 165 14.01 -42.75 -26.28
CA GLY B 165 13.83 -42.43 -27.68
C GLY B 165 14.34 -43.47 -28.64
N LEU B 166 14.90 -44.60 -28.16
CA LEU B 166 15.46 -45.59 -29.08
C LEU B 166 14.38 -46.42 -29.76
N THR B 167 13.35 -46.83 -29.03
CA THR B 167 12.25 -47.60 -29.58
C THR B 167 10.92 -47.01 -29.13
N TRP B 168 9.90 -47.24 -29.94
CA TRP B 168 8.65 -46.50 -29.84
C TRP B 168 7.44 -47.41 -30.01
N HIS B 169 6.35 -47.07 -29.30
CA HIS B 169 5.04 -47.63 -29.57
C HIS B 169 4.00 -46.52 -29.50
N VAL B 170 2.75 -46.86 -29.77
CA VAL B 170 1.67 -45.87 -29.80
C VAL B 170 0.67 -46.23 -28.70
N SER B 171 0.12 -45.20 -28.07
CA SER B 171 -0.89 -45.39 -27.06
C SER B 171 -2.12 -46.11 -27.64
N ARG B 172 -2.89 -46.72 -26.74
CA ARG B 172 -4.07 -47.45 -27.18
C ARG B 172 -5.14 -46.48 -27.67
N ASN B 173 -5.33 -45.38 -26.95
CA ASN B 173 -6.25 -44.31 -27.35
C ASN B 173 -5.60 -42.99 -27.00
N GLY B 174 -6.39 -41.91 -27.06
CA GLY B 174 -5.85 -40.60 -26.75
C GLY B 174 -6.94 -39.61 -26.40
N VAL B 175 -7.08 -38.56 -27.22
CA VAL B 175 -8.08 -37.51 -26.99
C VAL B 175 -8.86 -37.29 -28.26
N THR B 176 -10.19 -37.17 -28.13
CA THR B 176 -11.06 -36.79 -29.23
C THR B 176 -12.01 -35.72 -28.74
N SER B 177 -12.69 -35.04 -29.67
CA SER B 177 -13.70 -34.05 -29.30
C SER B 177 -14.75 -33.97 -30.41
N PRO B 178 -15.96 -33.53 -30.09
CA PRO B 178 -17.04 -33.60 -31.08
C PRO B 178 -17.01 -32.47 -32.11
N ARG B 179 -17.60 -32.77 -33.26
CA ARG B 179 -17.83 -31.76 -34.29
C ARG B 179 -18.69 -30.64 -33.74
N HIS B 180 -18.51 -29.44 -34.31
CA HIS B 180 -19.35 -28.32 -33.98
C HIS B 180 -20.69 -28.51 -34.69
N GLU B 181 -21.75 -28.13 -34.00
CA GLU B 181 -23.10 -28.16 -34.56
C GLU B 181 -23.55 -26.73 -34.86
N ALA B 182 -24.04 -26.52 -36.07
CA ALA B 182 -24.54 -25.20 -36.47
C ALA B 182 -25.90 -25.03 -35.80
N ARG B 183 -25.95 -24.27 -34.73
CA ARG B 183 -27.17 -23.75 -34.15
C ARG B 183 -27.02 -22.26 -33.95
N PRO B 184 -28.12 -21.52 -33.91
CA PRO B 184 -28.03 -20.08 -33.70
C PRO B 184 -27.18 -19.76 -32.49
N PRO B 185 -26.34 -18.70 -32.57
CA PRO B 185 -26.30 -17.68 -33.62
C PRO B 185 -25.49 -18.04 -34.87
N HIS B 186 -24.92 -19.23 -34.93
CA HIS B 186 -24.16 -19.65 -36.11
C HIS B 186 -25.09 -19.88 -37.30
N GLN B 187 -24.56 -19.59 -38.48
CA GLN B 187 -25.22 -19.86 -39.77
C GLN B 187 -24.51 -20.95 -40.54
N GLY B 188 -23.57 -21.64 -39.90
CA GLY B 188 -22.74 -22.64 -40.53
C GLY B 188 -21.89 -23.29 -39.47
N VAL B 189 -21.03 -24.19 -39.93
N VAL B 189 -21.04 -24.24 -39.91
CA VAL B 189 -20.21 -25.04 -39.08
CA VAL B 189 -20.24 -25.05 -39.02
C VAL B 189 -18.83 -24.41 -38.92
C VAL B 189 -18.79 -24.55 -38.95
N ARG B 190 -18.25 -24.63 -37.74
CA ARG B 190 -16.85 -24.33 -37.52
C ARG B 190 -15.98 -25.42 -38.17
N TRP B 191 -14.77 -25.01 -38.56
CA TRP B 191 -13.72 -25.95 -38.95
C TRP B 191 -13.62 -27.05 -37.90
N PHE B 192 -13.66 -28.31 -38.34
CA PHE B 192 -13.54 -29.45 -37.44
C PHE B 192 -12.07 -29.78 -37.16
N ASN B 193 -11.70 -29.71 -35.89
CA ASN B 193 -10.45 -30.29 -35.39
C ASN B 193 -10.84 -31.23 -34.26
N ASN B 194 -10.39 -32.46 -34.36
CA ASN B 194 -10.69 -33.51 -33.38
C ASN B 194 -9.59 -33.55 -32.31
N ALA B 195 -9.78 -32.81 -31.23
CA ALA B 195 -8.85 -32.76 -30.09
C ALA B 195 -7.39 -32.85 -30.53
N VAL B 196 -6.97 -31.82 -31.27
CA VAL B 196 -5.64 -31.74 -31.86
C VAL B 196 -4.68 -31.01 -30.93
N GLU B 197 -3.40 -31.07 -31.25
CA GLU B 197 -2.40 -30.19 -30.62
C GLU B 197 -2.43 -30.29 -29.10
N ALA B 198 -2.35 -31.50 -28.56
CA ALA B 198 -2.42 -31.63 -27.12
C ALA B 198 -1.13 -31.18 -26.45
N THR B 199 -1.32 -30.62 -25.26
CA THR B 199 -0.26 -30.34 -24.29
C THR B 199 -0.48 -31.24 -23.08
N VAL B 200 0.58 -31.86 -22.53
CA VAL B 200 0.47 -32.88 -21.49
C VAL B 200 1.28 -32.44 -20.27
N LEU B 201 0.67 -32.59 -19.09
CA LEU B 201 1.34 -32.28 -17.84
C LEU B 201 1.18 -33.45 -16.88
N GLU B 202 2.26 -33.81 -16.18
CA GLU B 202 2.19 -34.81 -15.11
C GLU B 202 1.78 -34.14 -13.82
N MET B 203 0.74 -34.67 -13.20
CA MET B 203 0.27 -34.18 -11.90
C MET B 203 1.02 -34.85 -10.75
N LYS B 204 0.83 -34.23 -9.58
CA LYS B 204 1.51 -34.68 -8.37
C LYS B 204 1.25 -36.16 -8.09
N ASP B 205 0.04 -36.63 -8.31
CA ASP B 205 -0.30 -38.04 -8.04
C ASP B 205 0.10 -38.97 -9.17
N GLY B 206 0.78 -38.48 -10.22
CA GLY B 206 1.22 -39.29 -11.32
C GLY B 206 0.27 -39.35 -12.50
N THR B 207 -0.98 -38.86 -12.35
CA THR B 207 -1.90 -38.79 -13.46
C THR B 207 -1.33 -37.85 -14.51
N LEU B 208 -1.52 -38.18 -15.77
CA LEU B 208 -1.25 -37.24 -16.86
C LEU B 208 -2.55 -36.53 -17.27
N TRP B 209 -2.44 -35.22 -17.47
CA TRP B 209 -3.54 -34.37 -17.95
C TRP B 209 -3.16 -33.92 -19.36
N ALA B 210 -4.01 -34.25 -20.33
CA ALA B 210 -3.88 -33.79 -21.70
C ALA B 210 -4.96 -32.75 -21.99
N LEU B 211 -4.55 -31.62 -22.56
CA LEU B 211 -5.43 -30.48 -22.84
C LEU B 211 -5.27 -30.18 -24.32
N ALA B 212 -6.39 -30.19 -25.04
CA ALA B 212 -6.36 -30.22 -26.50
C ALA B 212 -7.33 -29.23 -27.15
N ARG B 213 -6.96 -28.83 -28.35
CA ARG B 213 -7.67 -27.84 -29.17
C ARG B 213 -8.87 -28.48 -29.90
N THR B 214 -10.01 -27.77 -29.90
CA THR B 214 -11.24 -28.31 -30.47
C THR B 214 -11.99 -27.26 -31.27
N SER B 215 -13.10 -27.70 -31.83
CA SER B 215 -14.08 -26.85 -32.50
C SER B 215 -15.18 -26.36 -31.57
N GLN B 216 -15.11 -26.68 -30.28
CA GLN B 216 -16.07 -26.25 -29.29
C GLN B 216 -15.66 -24.89 -28.72
N ASP B 217 -16.45 -24.38 -27.79
CA ASP B 217 -16.20 -23.08 -27.19
C ASP B 217 -15.01 -23.10 -26.22
N GLN B 218 -14.50 -24.28 -25.84
CA GLN B 218 -13.37 -24.47 -24.93
C GLN B 218 -12.51 -25.62 -25.43
N ALA B 219 -11.27 -25.63 -24.95
CA ALA B 219 -10.44 -26.83 -25.08
C ALA B 219 -11.05 -27.99 -24.31
N TRP B 220 -10.73 -29.19 -24.78
CA TRP B 220 -11.18 -30.43 -24.13
C TRP B 220 -9.96 -31.13 -23.53
N GLN B 221 -10.23 -32.11 -22.65
CA GLN B 221 -9.16 -32.74 -21.88
C GLN B 221 -9.50 -34.20 -21.62
N ALA B 222 -8.44 -34.95 -21.30
CA ALA B 222 -8.57 -36.33 -20.84
C ALA B 222 -7.40 -36.62 -19.91
N PHE B 223 -7.47 -37.78 -19.25
CA PHE B 223 -6.53 -38.08 -18.17
C PHE B 223 -6.06 -39.52 -18.30
N SER B 224 -4.81 -39.74 -17.92
CA SER B 224 -4.25 -41.09 -17.99
C SER B 224 -3.63 -41.49 -16.66
N LYS B 225 -3.94 -42.74 -16.22
CA LYS B 225 -3.44 -43.29 -14.97
C LYS B 225 -2.27 -44.25 -15.15
N ASP B 226 -1.79 -44.47 -16.37
CA ASP B 226 -0.75 -45.40 -16.75
C ASP B 226 0.30 -44.74 -17.63
N TYR B 227 0.52 -43.44 -17.37
CA TYR B 227 1.58 -42.67 -18.05
C TYR B 227 1.42 -42.71 -19.57
N GLY B 228 0.16 -42.64 -20.03
CA GLY B 228 -0.13 -42.35 -21.41
C GLY B 228 -0.56 -43.51 -22.29
N GLU B 229 -0.55 -44.77 -21.78
CA GLU B 229 -1.02 -45.88 -22.59
C GLU B 229 -2.50 -45.79 -22.87
N THR B 230 -3.31 -45.41 -21.87
CA THR B 230 -4.76 -45.34 -22.02
C THR B 230 -5.28 -44.08 -21.35
N TRP B 231 -6.37 -43.56 -21.92
CA TRP B 231 -6.94 -42.28 -21.53
C TRP B 231 -8.44 -42.40 -21.25
N SER B 232 -8.89 -41.58 -20.31
CA SER B 232 -10.28 -41.44 -19.94
C SER B 232 -11.11 -40.91 -21.11
N LYS B 233 -12.42 -41.01 -20.95
CA LYS B 233 -13.29 -40.33 -21.88
C LYS B 233 -12.94 -38.84 -21.86
N PRO B 234 -13.09 -38.16 -22.98
CA PRO B 234 -12.73 -36.74 -23.02
C PRO B 234 -13.89 -35.89 -22.52
N GLU B 235 -13.57 -34.68 -22.08
CA GLU B 235 -14.57 -33.78 -21.48
C GLU B 235 -14.14 -32.34 -21.73
N PRO B 236 -15.08 -31.39 -21.66
CA PRO B 236 -14.70 -29.98 -21.73
C PRO B 236 -13.82 -29.55 -20.57
N SER B 237 -12.80 -28.77 -20.90
CA SER B 237 -11.95 -28.14 -19.90
C SER B 237 -12.52 -26.79 -19.48
N ARG B 238 -11.86 -26.18 -18.49
CA ARG B 238 -12.20 -24.83 -18.03
C ARG B 238 -11.63 -23.73 -18.93
N PHE B 239 -10.74 -24.03 -19.88
CA PHE B 239 -10.04 -23.01 -20.66
C PHE B 239 -10.78 -22.75 -21.96
N PHE B 240 -11.53 -21.66 -21.97
CA PHE B 240 -12.23 -21.27 -23.18
C PHE B 240 -11.26 -21.05 -24.32
N GLY B 241 -11.79 -21.17 -25.52
CA GLY B 241 -11.03 -20.95 -26.74
C GLY B 241 -11.35 -22.03 -27.75
N THR B 242 -11.12 -21.71 -29.02
CA THR B 242 -11.60 -22.51 -30.15
C THR B 242 -10.54 -22.49 -31.24
N LEU B 243 -10.05 -23.67 -31.67
CA LEU B 243 -9.19 -23.76 -32.83
C LEU B 243 -7.92 -22.92 -32.62
N THR B 244 -7.45 -22.90 -31.38
CA THR B 244 -6.18 -22.27 -31.00
C THR B 244 -5.45 -23.18 -30.01
N MET B 245 -4.17 -22.92 -29.82
CA MET B 245 -3.28 -23.82 -29.11
C MET B 245 -3.16 -23.57 -27.60
N ASN B 246 -3.11 -24.67 -26.83
CA ASN B 246 -2.87 -24.67 -25.38
C ASN B 246 -1.45 -25.11 -25.06
N THR B 247 -0.84 -24.50 -24.03
CA THR B 247 0.42 -25.00 -23.52
C THR B 247 0.44 -24.99 -22.00
N LEU B 248 0.74 -26.14 -21.39
CA LEU B 248 0.87 -26.27 -19.95
C LEU B 248 2.34 -26.47 -19.55
N GLY B 249 2.74 -25.88 -18.42
CA GLY B 249 4.07 -26.09 -17.87
C GLY B 249 4.01 -25.96 -16.36
N ARG B 250 5.16 -26.19 -15.74
CA ARG B 250 5.24 -26.10 -14.27
C ARG B 250 6.52 -25.36 -13.89
N LEU B 251 6.39 -24.39 -12.97
CA LEU B 251 7.53 -23.65 -12.46
C LEU B 251 8.29 -24.49 -11.42
N ASP B 252 9.49 -24.01 -11.08
CA ASP B 252 10.35 -24.74 -10.15
C ASP B 252 9.66 -25.00 -8.84
N ASP B 253 8.81 -24.09 -8.37
CA ASP B 253 8.15 -24.29 -7.07
C ASP B 253 6.87 -25.14 -7.14
N GLY B 254 6.55 -25.70 -8.30
CA GLY B 254 5.40 -26.54 -8.48
C GLY B 254 4.17 -25.84 -9.05
N THR B 255 4.21 -24.52 -9.21
CA THR B 255 3.05 -23.81 -9.77
C THR B 255 2.81 -24.21 -11.22
N ILE B 256 1.58 -24.58 -11.54
CA ILE B 256 1.18 -24.88 -12.93
C ILE B 256 0.85 -23.60 -13.69
N VAL B 257 1.35 -23.52 -14.92
CA VAL B 257 1.07 -22.39 -15.80
C VAL B 257 0.28 -22.91 -16.99
N SER B 258 -0.80 -22.20 -17.33
CA SER B 258 -1.57 -22.47 -18.53
C SER B 258 -1.51 -21.24 -19.43
N LEU B 259 -1.12 -21.45 -20.68
CA LEU B 259 -1.04 -20.41 -21.70
C LEU B 259 -1.98 -20.83 -22.82
N TRP B 260 -2.77 -19.88 -23.32
CA TRP B 260 -3.73 -20.19 -24.37
C TRP B 260 -4.26 -18.86 -24.89
N THR B 261 -5.13 -18.93 -25.89
CA THR B 261 -5.80 -17.77 -26.44
C THR B 261 -7.25 -17.77 -25.96
N ASN B 262 -7.55 -16.89 -24.99
CA ASN B 262 -8.83 -16.93 -24.28
C ASN B 262 -9.85 -16.04 -24.99
N THR B 263 -10.37 -16.54 -26.11
CA THR B 263 -11.24 -15.77 -26.97
C THR B 263 -12.45 -16.59 -27.38
N MET B 264 -13.48 -15.86 -27.81
CA MET B 264 -14.62 -16.42 -28.52
C MET B 264 -14.67 -15.86 -29.92
N ALA B 265 -14.65 -16.78 -30.91
CA ALA B 265 -14.76 -16.38 -32.30
C ALA B 265 -16.13 -15.80 -32.59
N LEU B 266 -16.21 -15.00 -33.65
CA LEU B 266 -17.52 -14.55 -34.09
C LEU B 266 -18.34 -15.77 -34.54
N PRO B 267 -19.67 -15.68 -34.46
CA PRO B 267 -20.51 -16.74 -35.01
C PRO B 267 -20.20 -17.01 -36.48
N GLU B 268 -20.37 -18.27 -36.88
CA GLU B 268 -20.17 -18.65 -38.26
C GLU B 268 -21.18 -17.98 -39.17
N ASN B 269 -20.74 -17.62 -40.37
CA ASN B 269 -21.58 -16.95 -41.34
C ASN B 269 -22.19 -17.96 -42.30
N ALA B 270 -22.92 -17.43 -43.28
CA ALA B 270 -23.72 -18.26 -44.18
C ALA B 270 -22.88 -18.91 -45.29
N THR B 271 -21.59 -18.58 -45.38
CA THR B 271 -20.67 -19.14 -46.36
C THR B 271 -19.48 -19.79 -45.66
N ALA B 272 -19.75 -20.44 -44.53
N ALA B 272 -19.73 -20.41 -44.52
CA ALA B 272 -18.70 -20.96 -43.65
CA ALA B 272 -18.63 -20.93 -43.69
C ALA B 272 -18.16 -22.32 -44.06
C ALA B 272 -17.95 -22.17 -44.26
N GLY B 273 -18.59 -22.86 -45.20
CA GLY B 273 -18.04 -24.12 -45.70
C GLY B 273 -18.52 -25.32 -44.92
N ASN B 274 -18.00 -26.48 -45.30
CA ASN B 274 -18.50 -27.71 -44.70
C ASN B 274 -17.71 -28.16 -43.49
N GLY B 275 -16.75 -27.37 -43.03
CA GLY B 275 -16.03 -27.73 -41.83
C GLY B 275 -14.75 -28.50 -42.04
N THR B 276 -14.44 -28.90 -43.28
CA THR B 276 -13.16 -29.56 -43.55
C THR B 276 -11.99 -28.64 -43.27
N TRP B 277 -12.09 -27.37 -43.72
CA TRP B 277 -11.08 -26.35 -43.48
C TRP B 277 -11.76 -25.09 -42.96
N GLU B 278 -10.93 -24.15 -42.55
CA GLU B 278 -11.42 -22.87 -42.03
C GLU B 278 -11.88 -21.97 -43.16
N ASP B 279 -12.83 -21.08 -42.86
CA ASP B 279 -13.16 -19.97 -43.76
C ASP B 279 -12.44 -18.69 -43.36
N VAL B 280 -12.47 -18.32 -42.07
CA VAL B 280 -11.87 -17.06 -41.64
C VAL B 280 -11.59 -17.16 -40.12
N PHE B 281 -10.46 -16.58 -39.71
CA PHE B 281 -10.06 -16.53 -38.29
C PHE B 281 -10.48 -15.19 -37.68
N THR B 282 -11.31 -15.24 -36.63
CA THR B 282 -11.78 -14.05 -35.93
C THR B 282 -11.46 -14.11 -34.44
N ASN B 283 -10.43 -14.86 -34.02
CA ASN B 283 -10.22 -15.05 -32.59
C ASN B 283 -8.76 -15.21 -32.20
N ARG B 284 -7.81 -14.72 -33.00
CA ARG B 284 -6.41 -15.02 -32.78
C ARG B 284 -5.56 -13.81 -32.42
N ASP B 285 -6.15 -12.74 -31.84
CA ASP B 285 -5.41 -11.50 -31.61
C ASP B 285 -5.00 -11.23 -30.17
N SER B 286 -4.88 -12.28 -29.38
CA SER B 286 -4.48 -12.16 -27.97
C SER B 286 -3.90 -13.47 -27.46
N HIS B 287 -3.23 -13.43 -26.30
CA HIS B 287 -2.73 -14.61 -25.59
C HIS B 287 -2.84 -14.30 -24.11
N HIS B 288 -3.05 -15.36 -23.32
CA HIS B 288 -3.43 -15.27 -21.93
C HIS B 288 -2.65 -16.26 -21.06
N ILE B 289 -2.59 -15.94 -19.76
CA ILE B 289 -1.94 -16.80 -18.77
C ILE B 289 -2.81 -16.93 -17.54
N ALA B 290 -2.80 -18.15 -16.98
CA ALA B 290 -3.35 -18.45 -15.67
C ALA B 290 -2.43 -19.44 -14.94
N MET B 291 -2.53 -19.47 -13.60
CA MET B 291 -1.65 -20.28 -12.78
C MET B 291 -2.48 -20.99 -11.70
N SER B 292 -1.93 -22.10 -11.22
CA SER B 292 -2.56 -22.87 -10.14
C SER B 292 -1.48 -23.46 -9.24
N GLY B 293 -1.62 -23.22 -7.93
CA GLY B 293 -0.68 -23.77 -6.97
C GLY B 293 -1.12 -25.05 -6.33
N ASP B 294 -2.31 -25.56 -6.64
CA ASP B 294 -2.90 -26.70 -5.94
C ASP B 294 -3.33 -27.79 -6.92
N GLU B 295 -2.46 -28.08 -7.90
CA GLU B 295 -2.67 -29.17 -8.85
C GLU B 295 -3.94 -29.00 -9.66
N GLY B 296 -4.27 -27.75 -9.98
CA GLY B 296 -5.37 -27.44 -10.86
C GLY B 296 -6.73 -27.37 -10.22
N LYS B 297 -6.83 -27.45 -8.90
CA LYS B 297 -8.11 -27.33 -8.23
C LYS B 297 -8.63 -25.91 -8.29
N THR B 298 -7.74 -24.92 -8.15
CA THR B 298 -8.10 -23.51 -8.23
C THR B 298 -7.06 -22.76 -9.07
N TRP B 299 -7.54 -21.76 -9.81
CA TRP B 299 -6.73 -21.02 -10.77
C TRP B 299 -6.91 -19.53 -10.59
N TYR B 300 -5.85 -18.79 -10.92
CA TYR B 300 -5.90 -17.33 -10.85
C TYR B 300 -5.21 -16.73 -12.06
N GLY B 301 -5.51 -15.46 -12.29
CA GLY B 301 -4.93 -14.74 -13.40
C GLY B 301 -5.90 -14.57 -14.54
N PHE B 302 -5.82 -15.42 -15.57
CA PHE B 302 -6.60 -15.23 -16.81
C PHE B 302 -6.34 -13.85 -17.40
N ARG B 303 -5.09 -13.40 -17.30
CA ARG B 303 -4.74 -12.07 -17.78
C ARG B 303 -4.24 -12.13 -19.23
N GLU B 304 -4.53 -11.06 -19.97
CA GLU B 304 -3.98 -10.85 -21.30
C GLU B 304 -2.49 -10.58 -21.21
N ILE B 305 -1.70 -11.40 -21.87
CA ILE B 305 -0.27 -11.10 -21.98
C ILE B 305 -0.03 -9.92 -22.92
N ILE B 306 -0.75 -9.91 -24.05
CA ILE B 306 -0.50 -9.01 -25.15
C ILE B 306 -1.69 -9.07 -26.09
N LEU B 307 -1.96 -7.96 -26.77
CA LEU B 307 -2.89 -7.82 -27.89
C LEU B 307 -2.10 -7.64 -29.17
N ASP B 308 -2.62 -8.18 -30.27
CA ASP B 308 -1.90 -8.03 -31.53
C ASP B 308 -1.89 -6.57 -32.03
N GLU B 309 -0.67 -6.07 -32.24
CA GLU B 309 -0.52 -4.65 -32.52
C GLU B 309 -1.16 -4.21 -33.83
N HIS B 310 -1.36 -5.15 -34.75
CA HIS B 310 -1.90 -4.84 -36.08
C HIS B 310 -3.42 -4.99 -36.17
N ARG B 311 -4.10 -5.34 -35.08
CA ARG B 311 -5.45 -5.89 -35.08
C ARG B 311 -6.51 -4.96 -35.67
N ASN B 312 -6.31 -3.64 -35.64
CA ASN B 312 -7.32 -2.71 -36.12
C ASN B 312 -7.20 -2.30 -37.60
N HIS B 313 -6.20 -2.83 -38.31
CA HIS B 313 -5.82 -2.18 -39.55
C HIS B 313 -6.51 -2.79 -40.78
N PRO B 314 -6.78 -1.94 -41.77
CA PRO B 314 -7.47 -2.39 -42.99
C PRO B 314 -6.59 -3.14 -43.98
N GLY B 315 -5.30 -3.37 -43.65
CA GLY B 315 -4.43 -4.24 -44.41
C GLY B 315 -3.84 -5.38 -43.61
N TYR B 316 -4.45 -5.63 -42.45
CA TYR B 316 -4.06 -6.73 -41.57
C TYR B 316 -3.79 -8.03 -42.28
N ALA B 317 -4.70 -8.42 -43.19
CA ALA B 317 -4.68 -9.77 -43.73
C ALA B 317 -3.51 -10.02 -44.67
N THR B 318 -3.00 -8.97 -45.31
CA THR B 318 -2.06 -9.15 -46.41
C THR B 318 -0.72 -8.46 -46.22
N LEU B 319 -0.47 -7.80 -45.10
CA LEU B 319 0.79 -7.10 -44.92
C LEU B 319 1.95 -8.10 -44.85
N ASP B 320 2.93 -7.93 -45.75
CA ASP B 320 4.14 -8.76 -45.76
C ASP B 320 3.83 -10.24 -45.89
N GLY B 321 2.91 -10.57 -46.80
N GLY B 321 2.91 -10.54 -46.80
CA GLY B 321 2.62 -11.95 -47.13
CA GLY B 321 2.54 -11.90 -47.13
C GLY B 321 1.46 -12.52 -46.33
C GLY B 321 1.12 -12.24 -46.69
N PRO B 322 0.72 -13.44 -46.95
CA PRO B 322 -0.59 -13.90 -46.43
C PRO B 322 -0.57 -15.00 -45.39
N GLU B 323 0.60 -15.44 -44.96
CA GLU B 323 0.67 -16.57 -44.05
C GLU B 323 -0.04 -16.28 -42.74
N ASP B 324 -0.42 -17.35 -42.07
CA ASP B 324 -1.22 -17.17 -40.87
C ASP B 324 -0.48 -16.30 -39.85
N ARG B 325 -1.26 -15.44 -39.20
CA ARG B 325 -0.74 -14.44 -38.30
C ARG B 325 -1.56 -14.40 -37.03
N GLY B 326 -0.95 -13.82 -36.01
CA GLY B 326 -1.63 -13.50 -34.78
C GLY B 326 -0.80 -13.83 -33.57
N LYS B 327 -1.50 -14.02 -32.45
CA LYS B 327 -0.89 -14.21 -31.16
C LYS B 327 -1.19 -15.58 -30.58
N HIS B 328 -1.74 -16.50 -31.37
CA HIS B 328 -1.94 -17.87 -30.91
C HIS B 328 -0.65 -18.68 -31.11
N GLN B 329 -0.52 -19.74 -30.28
CA GLN B 329 0.65 -20.62 -30.11
C GLN B 329 1.64 -20.01 -29.12
N SER B 330 2.20 -20.85 -28.24
CA SER B 330 3.16 -20.37 -27.25
C SER B 330 3.99 -21.51 -26.67
N GLU B 331 5.14 -21.14 -26.12
CA GLU B 331 6.02 -22.01 -25.36
C GLU B 331 6.66 -21.13 -24.29
N MET B 332 7.05 -21.75 -23.16
CA MET B 332 7.56 -20.98 -22.03
C MET B 332 8.85 -21.55 -21.45
N VAL B 333 9.70 -20.63 -20.94
CA VAL B 333 10.91 -20.97 -20.16
C VAL B 333 10.90 -20.06 -18.93
N GLN B 334 10.97 -20.65 -17.73
CA GLN B 334 11.10 -19.83 -16.54
C GLN B 334 12.49 -19.18 -16.48
N LEU B 335 12.53 -17.90 -16.12
CA LEU B 335 13.78 -17.14 -16.02
C LEU B 335 14.34 -17.09 -14.61
N ASP B 336 13.48 -16.85 -13.64
CA ASP B 336 13.87 -16.81 -12.21
C ASP B 336 12.59 -17.00 -11.39
N LYS B 337 12.70 -16.74 -10.09
CA LYS B 337 11.58 -16.98 -9.20
C LYS B 337 10.33 -16.25 -9.65
N ASN B 338 10.48 -15.08 -10.25
CA ASN B 338 9.29 -14.29 -10.59
C ASN B 338 8.97 -14.21 -12.07
N ARG B 339 9.93 -14.47 -12.94
CA ARG B 339 9.78 -14.07 -14.34
C ARG B 339 9.75 -15.29 -15.23
N ILE B 340 8.93 -15.20 -16.29
CA ILE B 340 8.77 -16.28 -17.26
C ILE B 340 8.93 -15.65 -18.64
N LEU B 341 9.68 -16.32 -19.49
CA LEU B 341 9.84 -15.96 -20.89
C LEU B 341 8.85 -16.78 -21.72
N ILE B 342 8.12 -16.10 -22.61
CA ILE B 342 7.13 -16.77 -23.44
C ILE B 342 7.41 -16.41 -24.89
N SER B 343 7.53 -17.42 -25.74
CA SER B 343 7.43 -17.21 -27.19
C SER B 343 5.97 -17.39 -27.57
N LEU B 344 5.42 -16.48 -28.37
CA LEU B 344 4.01 -16.58 -28.75
C LEU B 344 3.77 -16.03 -30.16
N GLY B 345 2.74 -16.56 -30.81
CA GLY B 345 2.27 -16.01 -32.06
C GLY B 345 2.84 -16.60 -33.32
N GLN B 346 2.30 -16.08 -34.45
CA GLN B 346 2.62 -16.55 -35.81
C GLN B 346 2.80 -15.36 -36.73
N HIS B 347 3.75 -15.50 -37.68
CA HIS B 347 4.10 -14.51 -38.71
C HIS B 347 5.17 -13.55 -38.19
N LYS B 348 6.17 -13.26 -39.04
CA LYS B 348 7.32 -12.44 -38.64
C LYS B 348 6.93 -11.08 -38.05
N ASN B 349 5.79 -10.52 -38.46
CA ASN B 349 5.40 -9.20 -37.94
C ASN B 349 4.56 -9.29 -36.67
N HIS B 350 4.27 -10.51 -36.19
CA HIS B 350 3.35 -10.69 -35.08
C HIS B 350 3.90 -11.53 -33.94
N ARG B 351 4.76 -12.52 -34.24
CA ARG B 351 5.31 -13.40 -33.20
C ARG B 351 6.28 -12.62 -32.33
N ARG B 352 6.30 -12.99 -31.03
CA ARG B 352 7.03 -12.19 -30.05
C ARG B 352 7.60 -13.09 -28.96
N LEU B 353 8.72 -12.65 -28.37
CA LEU B 353 9.24 -13.17 -27.10
C LEU B 353 8.94 -12.11 -26.05
N VAL B 354 8.23 -12.53 -24.99
CA VAL B 354 7.68 -11.61 -23.99
C VAL B 354 8.06 -12.13 -22.61
N ILE B 355 8.44 -11.22 -21.71
CA ILE B 355 8.72 -11.59 -20.32
C ILE B 355 7.56 -11.15 -19.46
N VAL B 356 7.07 -12.06 -18.61
N VAL B 356 6.96 -12.06 -18.71
CA VAL B 356 5.88 -11.90 -17.78
CA VAL B 356 5.92 -11.69 -17.76
C VAL B 356 6.24 -12.19 -16.32
C VAL B 356 6.41 -11.97 -16.36
N ASP B 357 5.70 -11.39 -15.39
CA ASP B 357 6.02 -11.54 -13.96
C ASP B 357 4.85 -12.18 -13.25
N ARG B 358 5.12 -13.22 -12.44
CA ARG B 358 4.04 -13.95 -11.78
C ARG B 358 3.30 -13.08 -10.78
N ARG B 359 3.96 -12.05 -10.24
CA ARG B 359 3.27 -11.16 -9.31
C ARG B 359 2.23 -10.33 -10.03
N TRP B 360 2.48 -10.01 -11.29
CA TRP B 360 1.47 -9.38 -12.14
C TRP B 360 0.32 -10.35 -12.44
N VAL B 361 0.64 -11.63 -12.67
CA VAL B 361 -0.44 -12.60 -12.88
C VAL B 361 -1.37 -12.63 -11.66
N GLY B 362 -0.78 -12.57 -10.44
CA GLY B 362 -1.54 -12.64 -9.22
C GLY B 362 -2.15 -11.37 -8.69
N ALA B 363 -2.06 -10.25 -9.43
CA ALA B 363 -2.63 -8.98 -8.99
C ALA B 363 -4.14 -9.05 -8.96
N LYS B 364 -4.72 -8.22 -8.09
CA LYS B 364 -6.15 -8.22 -7.83
C LYS B 364 -6.85 -6.98 -8.34
N THR B 365 -6.13 -6.04 -8.93
CA THR B 365 -6.71 -4.80 -9.44
C THR B 365 -6.11 -4.45 -10.81
N ARG B 366 -6.86 -3.65 -11.56
CA ARG B 366 -6.37 -3.03 -12.79
C ARG B 366 -7.20 -1.80 -13.05
N ALA B 367 -6.62 -0.84 -13.76
CA ALA B 367 -7.34 0.37 -14.12
C ALA B 367 -6.85 0.86 -15.49
N THR B 368 -7.71 1.62 -16.17
CA THR B 368 -7.46 2.09 -17.53
C THR B 368 -8.21 3.39 -17.80
N GLN B 369 -7.71 4.12 -18.79
CA GLN B 369 -8.37 5.30 -19.32
C GLN B 369 -8.26 5.18 -20.84
N THR B 370 -9.38 5.24 -21.55
CA THR B 370 -9.38 4.85 -22.96
C THR B 370 -8.43 5.70 -23.80
N GLY B 371 -8.41 7.00 -23.56
CA GLY B 371 -7.56 7.88 -24.35
C GLY B 371 -6.08 7.59 -24.20
N LYS B 372 -5.64 7.20 -23.00
CA LYS B 372 -4.22 6.89 -22.78
C LYS B 372 -3.87 5.46 -23.16
N ASP B 373 -4.80 4.52 -22.99
CA ASP B 373 -4.47 3.10 -22.95
C ASP B 373 -5.06 2.31 -24.12
N LEU B 374 -5.64 2.98 -25.11
CA LEU B 374 -6.36 2.27 -26.17
C LEU B 374 -5.45 1.28 -26.90
N ASP B 375 -4.29 1.74 -27.35
CA ASP B 375 -3.43 0.89 -28.19
C ASP B 375 -2.95 -0.34 -27.46
N SER B 376 -2.61 -0.23 -26.18
CA SER B 376 -2.06 -1.37 -25.45
C SER B 376 -3.11 -2.32 -24.87
N GLN B 377 -4.28 -1.80 -24.47
CA GLN B 377 -5.17 -2.52 -23.59
C GLN B 377 -6.55 -2.79 -24.14
N TRP B 378 -6.97 -2.13 -25.22
CA TRP B 378 -8.37 -2.14 -25.65
C TRP B 378 -8.57 -2.91 -26.96
N THR B 379 -9.51 -3.84 -26.94
CA THR B 379 -9.92 -4.51 -28.17
C THR B 379 -11.17 -3.80 -28.68
N ILE B 380 -11.05 -3.18 -29.86
CA ILE B 380 -12.08 -2.36 -30.48
C ILE B 380 -12.34 -2.72 -31.93
N HIS B 381 -11.64 -3.72 -32.50
CA HIS B 381 -11.72 -3.89 -33.94
C HIS B 381 -13.02 -4.45 -34.42
N THR B 382 -13.48 -3.90 -35.55
CA THR B 382 -14.47 -4.56 -36.39
C THR B 382 -13.80 -5.09 -37.65
N TYR B 383 -14.56 -5.87 -38.43
CA TYR B 383 -14.01 -6.59 -39.57
C TYR B 383 -14.70 -6.11 -40.83
N ILE B 384 -13.89 -5.95 -41.89
CA ILE B 384 -14.39 -5.81 -43.26
C ILE B 384 -14.64 -7.25 -43.70
N PRO B 385 -15.91 -7.70 -43.86
CA PRO B 385 -16.17 -9.14 -44.06
C PRO B 385 -15.97 -9.60 -45.49
N GLN B 386 -14.73 -9.52 -45.97
CA GLN B 386 -14.31 -9.99 -47.28
C GLN B 386 -13.06 -10.81 -47.04
N LYS B 387 -13.09 -12.10 -47.35
CA LYS B 387 -11.97 -12.98 -47.03
C LYS B 387 -10.75 -12.60 -47.87
N LYS B 388 -9.60 -12.41 -47.22
CA LYS B 388 -8.37 -11.97 -47.86
C LYS B 388 -7.20 -12.77 -47.28
N GLY B 389 -6.08 -12.75 -47.97
CA GLY B 389 -4.95 -13.56 -47.49
C GLY B 389 -5.35 -15.01 -47.39
N HIS B 390 -4.88 -15.64 -46.33
CA HIS B 390 -5.25 -17.00 -45.97
C HIS B 390 -6.23 -16.93 -44.78
N CYS B 391 -7.51 -17.13 -45.03
CA CYS B 391 -8.51 -17.24 -43.95
C CYS B 391 -8.47 -16.04 -43.02
N SER B 392 -8.30 -14.83 -43.59
N SER B 392 -8.37 -14.83 -43.60
CA SER B 392 -8.24 -13.62 -42.79
CA SER B 392 -8.21 -13.60 -42.82
C SER B 392 -9.28 -12.60 -43.24
C SER B 392 -9.16 -12.51 -43.28
N TYR B 393 -9.57 -11.65 -42.34
CA TYR B 393 -10.28 -10.42 -42.69
C TYR B 393 -9.39 -9.22 -42.36
N ASN B 394 -9.43 -8.20 -43.21
CA ASN B 394 -8.99 -6.87 -42.84
C ASN B 394 -9.96 -6.23 -41.85
N ARG B 395 -9.46 -5.23 -41.10
CA ARG B 395 -10.19 -4.65 -39.97
C ARG B 395 -10.24 -3.13 -40.10
N LYS B 396 -11.09 -2.54 -39.26
CA LYS B 396 -11.11 -1.13 -38.93
C LYS B 396 -11.25 -0.99 -37.43
N PRO B 397 -10.72 0.08 -36.83
CA PRO B 397 -11.17 0.40 -35.46
C PRO B 397 -12.66 0.70 -35.46
N SER B 398 -13.41 0.08 -34.55
CA SER B 398 -14.86 0.26 -34.54
C SER B 398 -15.30 1.45 -33.70
N ALA B 399 -14.35 2.12 -33.04
CA ALA B 399 -14.61 3.21 -32.12
C ALA B 399 -13.40 4.13 -32.19
N GLU B 400 -13.63 5.43 -32.01
CA GLU B 400 -12.52 6.38 -32.10
C GLU B 400 -12.52 7.31 -30.91
N LEU B 401 -11.31 7.81 -30.61
CA LEU B 401 -11.12 8.76 -29.54
C LEU B 401 -11.53 10.16 -29.98
N VAL B 402 -12.21 10.86 -29.08
CA VAL B 402 -12.64 12.24 -29.28
C VAL B 402 -12.32 13.04 -28.02
N GLN B 403 -12.41 14.36 -28.16
CA GLN B 403 -12.23 15.28 -27.04
C GLN B 403 -13.29 15.08 -25.96
N ASP B 404 -12.87 15.06 -24.70
CA ASP B 404 -13.82 15.08 -23.60
C ASP B 404 -14.67 16.35 -23.70
N PRO B 405 -15.99 16.23 -23.75
CA PRO B 405 -16.84 17.43 -23.83
C PRO B 405 -16.72 18.33 -22.60
N SER B 406 -16.20 17.80 -21.49
CA SER B 406 -15.93 18.62 -20.31
C SER B 406 -14.80 19.61 -20.55
N GLY B 407 -14.05 19.48 -21.65
CA GLY B 407 -12.90 20.33 -21.89
C GLY B 407 -11.60 19.66 -21.48
N GLY B 408 -10.51 20.38 -21.67
CA GLY B 408 -9.18 19.87 -21.35
C GLY B 408 -8.60 18.96 -22.43
N THR B 409 -7.53 18.26 -22.03
CA THR B 409 -6.79 17.44 -22.99
C THR B 409 -7.23 15.98 -23.03
N LYS B 410 -8.10 15.55 -22.11
CA LYS B 410 -8.52 14.16 -22.07
C LYS B 410 -9.21 13.75 -23.36
N LYS B 411 -8.92 12.55 -23.81
CA LYS B 411 -9.62 11.94 -24.93
C LYS B 411 -10.36 10.70 -24.42
N VAL B 412 -11.54 10.47 -24.99
CA VAL B 412 -12.46 9.44 -24.54
C VAL B 412 -13.00 8.73 -25.77
N LEU B 413 -13.50 7.51 -25.57
CA LEU B 413 -13.85 6.63 -26.68
C LEU B 413 -15.34 6.72 -27.04
N GLN B 414 -15.63 7.03 -28.30
CA GLN B 414 -17.02 7.12 -28.80
C GLN B 414 -17.46 5.79 -29.37
N ILE B 415 -18.51 5.19 -28.79
CA ILE B 415 -19.01 3.87 -29.17
C ILE B 415 -20.43 4.05 -29.73
N LYS B 416 -20.61 3.71 -31.00
CA LYS B 416 -21.85 4.03 -31.73
C LYS B 416 -22.08 3.00 -32.83
N ARG B 417 -23.29 3.02 -33.40
CA ARG B 417 -23.59 2.31 -34.62
C ARG B 417 -23.05 3.08 -35.81
N LEU B 418 -22.20 2.44 -36.61
CA LEU B 418 -21.48 3.06 -37.70
C LEU B 418 -22.27 3.08 -39.00
N ASP B 419 -22.00 4.11 -39.80
CA ASP B 419 -22.52 4.21 -41.15
C ASP B 419 -21.35 3.85 -42.06
N ASP B 420 -21.19 2.56 -42.33
CA ASP B 420 -20.07 2.07 -43.11
C ASP B 420 -20.49 0.80 -43.83
N PRO B 421 -20.92 0.91 -45.09
CA PRO B 421 -21.35 -0.29 -45.81
C PRO B 421 -20.25 -1.30 -46.05
N GLU B 422 -18.97 -0.91 -45.88
CA GLU B 422 -17.88 -1.84 -46.07
C GLU B 422 -17.87 -2.91 -44.99
N LEU B 423 -18.60 -2.71 -43.90
CA LEU B 423 -18.62 -3.69 -42.81
C LEU B 423 -19.76 -4.70 -42.94
N VAL B 424 -20.41 -4.75 -44.11
CA VAL B 424 -21.54 -5.64 -44.41
C VAL B 424 -21.18 -6.58 -45.55
N ASN B 425 -21.56 -7.85 -45.43
CA ASN B 425 -21.47 -8.82 -46.53
C ASN B 425 -22.85 -9.49 -46.60
N GLU B 426 -23.59 -9.21 -47.68
CA GLU B 426 -24.96 -9.72 -47.78
C GLU B 426 -25.04 -11.19 -48.08
N LYS B 427 -24.09 -11.74 -48.84
CA LYS B 427 -24.13 -13.18 -49.13
C LYS B 427 -23.75 -13.99 -47.90
N SER B 428 -22.69 -13.57 -47.20
N SER B 428 -22.68 -13.60 -47.19
CA SER B 428 -22.32 -14.24 -45.95
CA SER B 428 -22.39 -14.34 -45.96
C SER B 428 -23.32 -13.92 -44.83
C SER B 428 -23.27 -13.88 -44.80
N ASN B 429 -24.08 -12.85 -45.00
CA ASN B 429 -25.08 -12.41 -44.04
C ASN B 429 -24.52 -12.00 -42.69
N VAL B 430 -23.58 -11.05 -42.73
CA VAL B 430 -23.02 -10.46 -41.52
C VAL B 430 -22.92 -8.95 -41.66
N ASP B 431 -23.15 -8.26 -40.56
CA ASP B 431 -23.18 -6.82 -40.49
C ASP B 431 -22.44 -6.44 -39.22
N TYR B 432 -21.22 -5.91 -39.37
CA TYR B 432 -20.39 -5.62 -38.20
C TYR B 432 -20.32 -4.12 -37.91
N ARG B 433 -21.43 -3.40 -38.14
CA ARG B 433 -21.46 -1.95 -37.97
C ARG B 433 -21.68 -1.51 -36.52
N ASN B 434 -21.94 -2.41 -35.57
CA ASN B 434 -22.04 -1.95 -34.18
C ASN B 434 -20.66 -1.86 -33.58
N GLY B 435 -20.20 -0.64 -33.31
CA GLY B 435 -18.95 -0.44 -32.62
C GLY B 435 -19.03 -0.86 -31.17
N GLY B 436 -17.85 -1.17 -30.63
CA GLY B 436 -17.77 -1.66 -29.26
C GLY B 436 -16.33 -1.68 -28.79
N ALA B 437 -16.14 -2.23 -27.59
CA ALA B 437 -14.83 -2.19 -26.93
C ALA B 437 -14.82 -3.15 -25.76
N THR B 438 -13.69 -3.85 -25.55
CA THR B 438 -13.60 -4.74 -24.42
C THR B 438 -12.21 -4.69 -23.82
N TRP B 439 -12.15 -4.98 -22.51
CA TRP B 439 -10.98 -4.77 -21.67
C TRP B 439 -10.88 -5.88 -20.61
N ASN B 440 -9.68 -6.41 -20.41
CA ASN B 440 -9.40 -7.52 -19.49
C ASN B 440 -9.06 -7.04 -18.08
N PHE B 441 -9.38 -7.89 -17.11
CA PHE B 441 -8.90 -7.67 -15.74
C PHE B 441 -8.70 -9.02 -15.09
N PRO B 442 -7.96 -9.08 -13.97
CA PRO B 442 -7.69 -10.38 -13.35
C PRO B 442 -8.96 -11.09 -12.92
N ASN B 443 -8.98 -12.41 -13.10
CA ASN B 443 -10.19 -13.19 -12.88
C ASN B 443 -10.68 -13.03 -11.44
N GLY B 444 -12.00 -12.95 -11.29
CA GLY B 444 -12.63 -13.09 -9.98
C GLY B 444 -14.03 -13.70 -10.02
N THR B 445 -14.28 -14.63 -9.08
CA THR B 445 -15.65 -15.06 -8.84
C THR B 445 -16.43 -14.02 -8.04
N THR B 446 -15.73 -13.09 -7.42
CA THR B 446 -16.32 -11.90 -6.82
C THR B 446 -15.49 -10.71 -7.24
N GLY B 447 -16.13 -9.56 -7.32
CA GLY B 447 -15.37 -8.38 -7.69
C GLY B 447 -16.24 -7.15 -7.79
N LEU B 448 -15.57 -6.03 -8.08
CA LEU B 448 -16.20 -4.73 -8.26
C LEU B 448 -15.55 -4.07 -9.46
N VAL B 449 -16.37 -3.76 -10.49
CA VAL B 449 -15.90 -3.02 -11.67
C VAL B 449 -16.67 -1.72 -11.78
N LYS B 450 -15.96 -0.63 -12.06
CA LYS B 450 -16.58 0.67 -12.23
C LYS B 450 -16.15 1.28 -13.55
N PHE B 451 -17.08 1.93 -14.23
CA PHE B 451 -16.76 2.62 -15.48
C PHE B 451 -17.52 3.93 -15.54
N ARG B 452 -16.96 4.87 -16.29
CA ARG B 452 -17.47 6.23 -16.43
C ARG B 452 -17.88 6.45 -17.88
N PHE B 453 -19.12 6.89 -18.11
CA PHE B 453 -19.64 7.03 -19.47
C PHE B 453 -20.48 8.32 -19.55
N ARG B 454 -20.76 8.74 -20.78
CA ARG B 454 -21.55 9.95 -21.04
C ARG B 454 -22.29 9.81 -22.37
N VAL B 455 -23.53 10.29 -22.44
CA VAL B 455 -24.24 10.26 -23.71
C VAL B 455 -23.67 11.33 -24.64
N VAL B 456 -23.44 10.98 -25.91
CA VAL B 456 -22.99 11.96 -26.90
C VAL B 456 -24.15 12.90 -27.27
N ASP B 457 -23.86 14.19 -27.36
CA ASP B 457 -24.85 15.21 -27.74
C ASP B 457 -25.04 15.15 -29.24
N GLY B 458 -25.94 14.29 -29.69
CA GLY B 458 -26.25 14.15 -31.10
C GLY B 458 -27.45 13.24 -31.27
N GLU B 459 -27.88 13.08 -32.52
CA GLU B 459 -29.09 12.31 -32.78
C GLU B 459 -28.88 10.82 -32.49
N GLN B 460 -29.90 10.22 -31.92
CA GLN B 460 -29.89 8.82 -31.53
C GLN B 460 -31.07 8.11 -32.18
N ALA B 461 -30.94 6.80 -32.36
CA ALA B 461 -32.00 5.94 -32.84
C ALA B 461 -32.82 5.42 -31.66
N ASP B 462 -33.98 4.84 -31.97
CA ASP B 462 -34.87 4.40 -30.92
C ASP B 462 -34.25 3.31 -30.05
N ASP B 463 -33.32 2.52 -30.61
CA ASP B 463 -32.68 1.42 -29.89
C ASP B 463 -31.22 1.71 -29.57
N SER B 464 -30.82 2.98 -29.59
CA SER B 464 -29.45 3.36 -29.30
C SER B 464 -29.11 3.18 -27.84
N GLY B 465 -27.84 2.92 -27.58
CA GLY B 465 -27.38 2.68 -26.23
C GLY B 465 -26.20 1.71 -26.22
N LEU B 466 -26.03 1.03 -25.10
CA LEU B 466 -24.82 0.24 -24.86
C LEU B 466 -25.21 -0.99 -24.09
N GLN B 467 -24.87 -2.17 -24.62
CA GLN B 467 -25.04 -3.41 -23.89
C GLN B 467 -23.74 -3.69 -23.14
N VAL B 468 -23.84 -3.82 -21.82
CA VAL B 468 -22.66 -3.95 -20.95
C VAL B 468 -22.64 -5.37 -20.38
N SER B 469 -21.53 -6.09 -20.58
CA SER B 469 -21.46 -7.50 -20.20
C SER B 469 -20.18 -7.79 -19.44
N LEU B 470 -20.27 -8.65 -18.42
CA LEU B 470 -19.09 -9.26 -17.81
C LEU B 470 -18.97 -10.67 -18.35
N THR B 471 -17.78 -11.00 -18.87
CA THR B 471 -17.56 -12.26 -19.58
C THR B 471 -16.33 -12.97 -19.01
N ASP B 472 -16.22 -14.24 -19.41
CA ASP B 472 -15.09 -15.08 -19.00
C ASP B 472 -14.11 -15.37 -20.13
N ARG B 473 -14.27 -14.72 -21.28
CA ARG B 473 -13.20 -14.69 -22.28
C ARG B 473 -13.45 -13.47 -23.16
N LEU B 474 -12.52 -13.21 -24.08
CA LEU B 474 -12.56 -12.03 -24.92
C LEU B 474 -13.51 -12.25 -26.11
N PHE B 475 -14.59 -11.51 -26.11
CA PHE B 475 -15.52 -11.49 -27.22
C PHE B 475 -15.20 -10.29 -28.11
N ASN B 476 -15.38 -10.45 -29.42
CA ASN B 476 -15.05 -9.36 -30.33
C ASN B 476 -15.89 -8.11 -30.04
N ALA B 477 -15.26 -6.97 -30.23
CA ALA B 477 -15.90 -5.69 -29.96
C ALA B 477 -17.19 -5.52 -30.73
N CYS B 478 -17.31 -6.12 -31.93
CA CYS B 478 -18.46 -5.99 -32.79
C CYS B 478 -19.44 -7.16 -32.67
N ASP B 479 -19.29 -8.02 -31.66
CA ASP B 479 -20.12 -9.22 -31.48
C ASP B 479 -21.35 -8.91 -30.63
N SER B 480 -22.50 -8.72 -31.30
N SER B 480 -22.50 -8.71 -31.29
CA SER B 480 -23.73 -8.39 -30.60
CA SER B 480 -23.71 -8.37 -30.54
C SER B 480 -24.35 -9.56 -29.84
C SER B 480 -24.26 -9.54 -29.73
N THR B 481 -23.82 -10.76 -29.98
CA THR B 481 -24.30 -11.90 -29.22
C THR B 481 -23.64 -12.06 -27.88
N THR B 482 -22.65 -11.21 -27.55
CA THR B 482 -21.92 -11.38 -26.31
C THR B 482 -22.86 -11.54 -25.12
N LYS B 483 -23.89 -10.68 -25.06
CA LYS B 483 -24.87 -10.74 -23.96
C LYS B 483 -25.44 -12.13 -23.73
N ASP B 484 -25.56 -12.93 -24.78
CA ASP B 484 -26.19 -14.25 -24.66
C ASP B 484 -25.26 -15.26 -23.96
N TYR B 485 -23.95 -14.99 -23.93
CA TYR B 485 -22.98 -15.84 -23.28
C TYR B 485 -22.43 -15.24 -21.99
N ALA B 486 -22.84 -14.02 -21.65
CA ALA B 486 -22.22 -13.29 -20.56
C ALA B 486 -22.57 -13.86 -19.18
N LEU B 487 -21.69 -13.63 -18.22
N LEU B 487 -21.72 -13.57 -18.22
CA LEU B 487 -22.04 -13.94 -16.83
CA LEU B 487 -22.05 -13.92 -16.84
C LEU B 487 -23.14 -13.01 -16.34
C LEU B 487 -23.12 -12.99 -16.29
N PHE B 488 -22.97 -11.70 -16.57
CA PHE B 488 -23.96 -10.69 -16.24
C PHE B 488 -24.02 -9.73 -17.40
N THR B 489 -25.20 -9.20 -17.68
CA THR B 489 -25.32 -8.25 -18.78
C THR B 489 -26.56 -7.38 -18.57
N PHE B 490 -26.50 -6.14 -19.09
CA PHE B 490 -27.67 -5.27 -19.06
C PHE B 490 -27.49 -4.15 -20.09
N PRO B 491 -28.58 -3.50 -20.50
CA PRO B 491 -28.48 -2.39 -21.46
C PRO B 491 -28.61 -1.02 -20.80
N ILE B 492 -27.80 -0.08 -21.31
CA ILE B 492 -28.01 1.34 -21.14
C ILE B 492 -28.81 1.76 -22.35
N ARG B 493 -30.01 2.30 -22.13
CA ARG B 493 -30.88 2.70 -23.22
C ARG B 493 -30.97 4.21 -23.29
N LEU B 494 -30.96 4.75 -24.51
CA LEU B 494 -30.97 6.20 -24.67
C LEU B 494 -32.35 6.77 -24.99
N LYS B 495 -33.30 5.94 -25.41
CA LYS B 495 -34.65 6.39 -25.73
C LYS B 495 -35.68 5.53 -25.02
N PRO B 496 -36.88 6.08 -24.74
CA PRO B 496 -37.30 7.46 -25.03
C PRO B 496 -36.54 8.51 -24.24
N ALA B 497 -36.02 8.14 -23.07
CA ALA B 497 -35.09 8.97 -22.34
C ALA B 497 -34.01 8.05 -21.77
N PRO B 498 -32.84 8.59 -21.43
CA PRO B 498 -31.73 7.70 -21.02
C PRO B 498 -32.06 6.99 -19.71
N HIS B 499 -31.82 5.67 -19.71
CA HIS B 499 -32.01 4.90 -18.50
C HIS B 499 -31.21 3.61 -18.58
N LEU B 500 -30.92 3.07 -17.40
CA LEU B 500 -30.52 1.68 -17.29
C LEU B 500 -31.77 0.80 -17.22
N LEU B 501 -31.69 -0.39 -17.79
CA LEU B 501 -32.74 -1.41 -17.60
C LEU B 501 -32.14 -2.53 -16.79
N LEU B 502 -32.63 -2.73 -15.57
CA LEU B 502 -32.07 -3.71 -14.65
C LEU B 502 -33.19 -4.67 -14.28
N GLY B 503 -33.27 -5.78 -15.01
CA GLY B 503 -34.44 -6.64 -14.95
C GLY B 503 -35.62 -5.97 -15.60
N MET B 504 -36.60 -5.60 -14.79
CA MET B 504 -37.73 -4.80 -15.28
C MET B 504 -37.66 -3.36 -14.80
N LYS B 505 -36.68 -3.03 -13.97
CA LYS B 505 -36.60 -1.68 -13.42
C LYS B 505 -35.88 -0.74 -14.37
N LYS B 506 -36.48 0.41 -14.62
CA LYS B 506 -35.88 1.47 -15.42
C LYS B 506 -35.28 2.51 -14.47
N VAL B 507 -33.99 2.79 -14.63
CA VAL B 507 -33.29 3.72 -13.76
C VAL B 507 -32.80 4.89 -14.61
N PRO B 508 -33.46 6.05 -14.53
CA PRO B 508 -33.07 7.17 -15.39
C PRO B 508 -31.76 7.80 -14.97
N PHE B 509 -31.10 8.44 -15.94
CA PHE B 509 -29.90 9.24 -15.66
C PHE B 509 -29.85 10.40 -16.64
N THR B 510 -29.02 11.40 -16.32
CA THR B 510 -29.09 12.59 -17.17
C THR B 510 -28.19 12.48 -18.40
N PRO B 511 -28.63 13.05 -19.52
CA PRO B 511 -27.70 13.32 -20.62
C PRO B 511 -26.77 14.49 -20.29
N GLY B 512 -25.78 14.69 -21.16
CA GLY B 512 -24.91 15.85 -21.00
C GLY B 512 -24.04 15.85 -19.75
N ALA B 513 -23.81 14.70 -19.13
CA ALA B 513 -22.98 14.63 -17.93
C ALA B 513 -22.33 13.26 -17.87
N TRP B 514 -21.16 13.21 -17.25
CA TRP B 514 -20.47 11.95 -16.96
C TRP B 514 -21.16 11.25 -15.80
N HIS B 515 -21.28 9.95 -15.90
CA HIS B 515 -21.80 9.11 -14.83
C HIS B 515 -20.90 7.91 -14.61
N GLU B 516 -20.92 7.39 -13.39
CA GLU B 516 -20.21 6.19 -13.04
C GLU B 516 -21.20 5.08 -12.75
N ILE B 517 -20.95 3.90 -13.29
CA ILE B 517 -21.70 2.70 -12.97
C ILE B 517 -20.75 1.74 -12.29
N SER B 518 -21.23 1.09 -11.24
N SER B 518 -21.20 1.09 -11.23
CA SER B 518 -20.47 0.07 -10.53
CA SER B 518 -20.38 0.06 -10.61
C SER B 518 -21.21 -1.26 -10.65
C SER B 518 -21.17 -1.24 -10.59
N LEU B 519 -20.44 -2.34 -10.77
CA LEU B 519 -20.99 -3.68 -10.78
C LEU B 519 -20.24 -4.48 -9.73
N LEU B 520 -20.96 -4.94 -8.69
CA LEU B 520 -20.38 -5.72 -7.60
C LEU B 520 -21.01 -7.10 -7.70
N TRP B 521 -20.23 -8.09 -8.12
CA TRP B 521 -20.76 -9.43 -8.34
C TRP B 521 -20.25 -10.39 -7.29
N GLN B 522 -21.13 -11.32 -6.90
CA GLN B 522 -20.78 -12.35 -5.94
C GLN B 522 -21.72 -13.50 -6.20
N GLY B 523 -21.16 -14.69 -6.41
CA GLY B 523 -21.97 -15.84 -6.78
C GLY B 523 -22.84 -15.55 -7.98
N GLY B 524 -24.14 -15.66 -7.78
CA GLY B 524 -25.08 -15.58 -8.88
C GLY B 524 -25.83 -14.28 -9.00
N GLN B 525 -25.33 -13.19 -8.40
CA GLN B 525 -25.98 -11.89 -8.49
C GLN B 525 -24.94 -10.79 -8.58
N ALA B 526 -25.32 -9.70 -9.24
CA ALA B 526 -24.52 -8.48 -9.27
C ALA B 526 -25.39 -7.32 -8.84
N VAL B 527 -24.86 -6.47 -7.97
CA VAL B 527 -25.54 -5.25 -7.58
C VAL B 527 -24.97 -4.11 -8.42
N VAL B 528 -25.87 -3.34 -9.02
CA VAL B 528 -25.53 -2.25 -9.93
C VAL B 528 -25.80 -0.93 -9.21
N SER B 529 -24.80 -0.06 -9.19
CA SER B 529 -24.94 1.27 -8.62
C SER B 529 -24.70 2.32 -9.70
N LEU B 530 -25.41 3.44 -9.55
CA LEU B 530 -25.27 4.60 -10.43
C LEU B 530 -24.81 5.79 -9.60
N ASP B 531 -23.65 6.34 -9.94
CA ASP B 531 -23.11 7.49 -9.24
C ASP B 531 -23.12 7.25 -7.72
N GLY B 532 -22.78 6.03 -7.33
CA GLY B 532 -22.62 5.69 -5.93
C GLY B 532 -23.87 5.26 -5.20
N LYS B 533 -25.02 5.31 -5.85
CA LYS B 533 -26.29 4.90 -5.24
C LYS B 533 -26.74 3.57 -5.85
N LYS B 534 -27.13 2.64 -4.98
CA LYS B 534 -27.64 1.38 -5.49
C LYS B 534 -28.80 1.64 -6.43
N ALA B 535 -28.79 0.95 -7.57
CA ALA B 535 -29.79 1.11 -8.62
C ALA B 535 -30.63 -0.14 -8.86
N GLY B 536 -30.06 -1.32 -8.65
CA GLY B 536 -30.77 -2.55 -8.93
C GLY B 536 -29.85 -3.75 -8.87
N THR B 537 -30.40 -4.88 -9.25
CA THR B 537 -29.66 -6.12 -9.24
C THR B 537 -29.84 -6.84 -10.57
N LEU B 538 -28.91 -7.72 -10.84
CA LEU B 538 -28.96 -8.59 -12.01
C LEU B 538 -28.73 -10.02 -11.57
N LYS B 539 -29.52 -10.92 -12.13
CA LYS B 539 -29.28 -12.34 -11.92
C LYS B 539 -28.25 -12.82 -12.94
N MET B 540 -27.38 -13.73 -12.53
CA MET B 540 -26.47 -14.38 -13.46
C MET B 540 -27.21 -14.93 -14.67
N ALA B 541 -26.71 -14.59 -15.86
CA ALA B 541 -27.24 -15.15 -17.10
C ALA B 541 -26.62 -16.48 -17.48
N ASN B 542 -25.33 -16.68 -17.21
CA ASN B 542 -24.63 -17.91 -17.51
C ASN B 542 -23.62 -18.14 -16.40
N LYS B 543 -23.50 -19.39 -15.97
CA LYS B 543 -22.47 -19.75 -15.02
C LYS B 543 -21.11 -19.78 -15.72
N SER B 544 -20.05 -19.77 -14.91
CA SER B 544 -18.68 -19.81 -15.42
C SER B 544 -17.89 -20.80 -14.57
N PRO B 545 -17.01 -21.60 -15.19
CA PRO B 545 -16.10 -22.41 -14.36
C PRO B 545 -15.06 -21.58 -13.66
N ASN B 546 -14.81 -20.33 -14.08
CA ASN B 546 -13.67 -19.55 -13.64
C ASN B 546 -14.04 -18.28 -12.90
N GLY B 547 -14.91 -17.47 -13.46
CA GLY B 547 -15.20 -16.15 -12.96
C GLY B 547 -15.18 -15.15 -14.12
N ALA B 548 -15.32 -13.89 -13.76
CA ALA B 548 -15.28 -12.81 -14.75
C ALA B 548 -13.86 -12.30 -14.91
N SER B 549 -13.49 -12.02 -16.17
CA SER B 549 -12.18 -11.45 -16.47
C SER B 549 -12.24 -10.45 -17.63
N TYR B 550 -13.44 -10.10 -18.12
CA TYR B 550 -13.57 -9.08 -19.14
C TYR B 550 -14.83 -8.28 -18.84
N ILE B 551 -14.81 -6.99 -19.25
CA ILE B 551 -16.03 -6.21 -19.42
C ILE B 551 -16.08 -5.83 -20.90
N HIS B 552 -17.28 -5.91 -21.47
CA HIS B 552 -17.52 -5.78 -22.91
C HIS B 552 -18.63 -4.76 -23.06
N PHE B 553 -18.41 -3.78 -23.94
CA PHE B 553 -19.37 -2.71 -24.21
C PHE B 553 -19.66 -2.73 -25.70
N ILE B 554 -20.93 -2.84 -26.11
CA ILE B 554 -21.24 -2.75 -27.53
C ILE B 554 -22.45 -1.87 -27.76
N SER B 555 -22.37 -1.02 -28.77
CA SER B 555 -23.51 -0.19 -29.17
C SER B 555 -24.70 -1.09 -29.54
N THR B 556 -25.92 -0.55 -29.33
CA THR B 556 -27.14 -1.28 -29.63
C THR B 556 -27.97 -0.69 -30.75
N GLY B 557 -27.62 0.52 -31.22
CA GLY B 557 -28.43 1.14 -32.27
C GLY B 557 -28.42 0.32 -33.54
N SER B 558 -29.55 0.33 -34.27
CA SER B 558 -29.62 -0.40 -35.53
C SER B 558 -29.59 0.51 -36.74
N GLN B 559 -29.48 1.83 -36.53
CA GLN B 559 -29.21 2.79 -37.57
C GLN B 559 -28.17 3.76 -37.04
N PRO B 560 -27.46 4.46 -37.92
CA PRO B 560 -26.34 5.31 -37.46
C PRO B 560 -26.80 6.28 -36.40
N ASP B 561 -26.01 6.40 -35.34
CA ASP B 561 -26.34 7.21 -34.19
C ASP B 561 -25.09 7.88 -33.64
N ALA B 562 -25.27 8.66 -32.58
CA ALA B 562 -24.15 9.34 -31.93
C ALA B 562 -23.53 8.49 -30.81
N GLY B 563 -24.32 7.69 -30.12
CA GLY B 563 -23.77 6.76 -29.16
C GLY B 563 -23.37 7.41 -27.84
N ILE B 564 -22.36 6.79 -27.21
CA ILE B 564 -21.90 7.11 -25.87
C ILE B 564 -20.39 7.22 -25.87
N LEU B 565 -19.88 7.94 -24.87
CA LEU B 565 -18.45 8.08 -24.62
C LEU B 565 -18.05 7.26 -23.41
N LEU B 566 -16.86 6.63 -23.47
CA LEU B 566 -16.33 5.81 -22.38
C LEU B 566 -14.99 6.37 -21.95
N ASP B 567 -14.82 6.58 -20.63
CA ASP B 567 -13.62 7.24 -20.12
C ASP B 567 -12.76 6.23 -19.38
N THR B 568 -13.00 6.00 -18.09
CA THR B 568 -12.21 5.09 -17.27
C THR B 568 -12.94 3.80 -16.97
N VAL B 569 -12.17 2.76 -16.71
CA VAL B 569 -12.66 1.51 -16.14
C VAL B 569 -11.66 1.10 -15.07
N ASN B 570 -12.16 0.58 -13.96
CA ASN B 570 -11.26 -0.06 -13.00
C ASN B 570 -11.91 -1.31 -12.43
N ALA B 571 -11.08 -2.18 -11.88
CA ALA B 571 -11.53 -3.49 -11.42
C ALA B 571 -10.75 -3.88 -10.17
N ARG B 572 -11.45 -4.54 -9.24
CA ARG B 572 -10.89 -5.16 -8.05
C ARG B 572 -11.59 -6.49 -7.84
N VAL B 573 -10.83 -7.56 -7.65
CA VAL B 573 -11.41 -8.88 -7.51
C VAL B 573 -10.97 -9.49 -6.19
N LYS B 574 -11.68 -10.56 -5.80
CA LYS B 574 -11.45 -11.31 -4.57
C LYS B 574 -11.75 -10.47 -3.34
N ALA B 575 -13.02 -10.12 -3.15
CA ALA B 575 -13.50 -9.42 -1.95
C ALA B 575 -12.62 -8.26 -1.50
#